data_4XSD
#
_entry.id   4XSD
#
_cell.length_a   150.170
_cell.length_b   150.170
_cell.length_c   89.160
_cell.angle_alpha   90.00
_cell.angle_beta   90.00
_cell.angle_gamma   120.00
#
_symmetry.space_group_name_H-M   'P 32'
#
loop_
_entity.id
_entity.type
_entity.pdbx_description
1 polymer 'Thymidylate synthase'
2 non-polymer "2'-DEOXYURIDINE 5'-MONOPHOSPHATE"
3 water water
#
_entity_poly.entity_id   1
_entity_poly.type   'polypeptide(L)'
_entity_poly.pdbx_seq_one_letter_code
;MHHHHHHSSGVDLGTENLYFQSMTKVPGFTLTGELQYLKQVDDILRYGVRKRDRTGIGTLSLFGMQARYNLRNEFPLLTT
KRVFWRAVVEELLWFIRGSTDSKELAAKDIHIWDIYGSSKFLNRNGFHKRHTGDLGPIYGFQWRHFGAEYKDCQSNYLQQ
GIDQLQTVIDTIKTNPESRRMIISSWNPKDIPLMVLPPCHTLCQFYVANGELSCQVYQRSGDMGLGVPFNIAGYALLTYI
VAHVTGLKTGDLIHTMGDAHIYLNHIDALKVQLARSPKPFPCLKIIRNVTDINDFKWDDFQLDGYNPHPPL
;
_entity_poly.pdbx_strand_id   A,B,C,D
#
loop_
_chem_comp.id
_chem_comp.type
_chem_comp.name
_chem_comp.formula
UMP non-polymer '2'-DEOXYURIDINE 5'-MONOPHOSPHATE' 'C9 H13 N2 O8 P'
#
# COMPACT_ATOMS: atom_id res chain seq x y z
N LEU A 31 -12.26 -35.11 29.23
CA LEU A 31 -12.64 -34.77 27.87
C LEU A 31 -13.39 -33.45 27.81
N THR A 32 -14.70 -33.50 28.02
CA THR A 32 -15.56 -32.33 27.90
C THR A 32 -15.52 -31.39 29.10
N GLY A 33 -15.65 -31.98 30.29
CA GLY A 33 -15.83 -31.22 31.52
C GLY A 33 -14.62 -31.05 32.42
N GLU A 34 -14.89 -31.08 33.72
CA GLU A 34 -13.87 -31.05 34.76
C GLU A 34 -12.80 -32.12 34.50
N LEU A 35 -13.18 -33.13 33.73
CA LEU A 35 -12.26 -34.17 33.31
C LEU A 35 -11.13 -33.63 32.45
N GLN A 36 -11.27 -32.41 31.95
CA GLN A 36 -10.12 -31.73 31.35
C GLN A 36 -9.08 -31.46 32.42
N TYR A 37 -9.51 -30.74 33.46
CA TYR A 37 -8.68 -30.35 34.58
C TYR A 37 -8.17 -31.56 35.34
N LEU A 38 -9.08 -32.49 35.62
CA LEU A 38 -8.76 -33.67 36.43
C LEU A 38 -7.65 -34.50 35.82
N LYS A 39 -7.55 -34.48 34.50
CA LYS A 39 -6.46 -35.20 33.85
C LYS A 39 -5.30 -34.28 33.54
N GLN A 40 -5.45 -33.00 33.87
CA GLN A 40 -4.32 -32.07 33.81
C GLN A 40 -3.40 -32.35 34.98
N VAL A 41 -3.97 -32.95 36.02
CA VAL A 41 -3.19 -33.37 37.17
C VAL A 41 -2.42 -34.63 36.80
N ASP A 42 -3.10 -35.56 36.14
CA ASP A 42 -2.48 -36.80 35.70
C ASP A 42 -1.49 -36.53 34.57
N ASP A 43 -1.53 -35.32 34.03
CA ASP A 43 -0.50 -34.87 33.09
C ASP A 43 0.76 -34.43 33.83
N ILE A 44 0.59 -33.62 34.86
CA ILE A 44 1.73 -33.02 35.55
C ILE A 44 2.26 -33.93 36.66
N LEU A 45 1.48 -34.94 37.03
CA LEU A 45 1.91 -35.89 38.05
C LEU A 45 2.60 -37.08 37.43
N ARG A 46 2.53 -37.16 36.10
CA ARG A 46 3.14 -38.25 35.36
C ARG A 46 4.20 -37.73 34.40
N TYR A 47 3.77 -36.93 33.44
CA TYR A 47 4.67 -36.38 32.43
C TYR A 47 5.19 -34.99 32.81
N GLY A 48 4.84 -34.53 34.01
CA GLY A 48 5.27 -33.23 34.48
C GLY A 48 6.77 -33.18 34.72
N VAL A 49 7.36 -32.02 34.51
CA VAL A 49 8.80 -31.85 34.60
C VAL A 49 9.21 -31.20 35.93
N ARG A 50 10.36 -31.61 36.44
CA ARG A 50 10.88 -31.04 37.69
C ARG A 50 11.28 -29.59 37.54
N LYS A 51 10.71 -28.74 38.37
CA LYS A 51 11.01 -27.33 38.35
C LYS A 51 10.94 -26.76 39.77
N ARG A 52 11.47 -25.57 39.96
CA ARG A 52 11.61 -25.00 41.29
C ARG A 52 10.61 -23.86 41.50
N ASP A 53 10.16 -23.70 42.73
CA ASP A 53 9.17 -22.67 43.06
C ASP A 53 9.83 -21.50 43.77
N ARG A 54 9.28 -20.30 43.56
CA ARG A 54 9.81 -19.07 44.14
C ARG A 54 9.96 -19.14 45.65
N THR A 55 9.17 -20.00 46.28
CA THR A 55 9.36 -20.30 47.69
C THR A 55 10.68 -21.05 47.87
N GLY A 56 10.98 -21.93 46.92
CA GLY A 56 12.12 -22.83 47.04
C GLY A 56 11.68 -24.26 47.28
N ILE A 57 10.38 -24.47 47.34
CA ILE A 57 9.82 -25.82 47.35
C ILE A 57 9.78 -26.34 45.92
N GLY A 58 9.80 -27.67 45.77
CA GLY A 58 9.77 -28.27 44.46
C GLY A 58 8.37 -28.34 43.88
N THR A 59 8.29 -28.21 42.55
CA THR A 59 7.02 -28.34 41.84
C THR A 59 7.18 -29.21 40.59
N LEU A 60 6.11 -29.91 40.22
CA LEU A 60 6.06 -30.60 38.94
C LEU A 60 5.38 -29.67 37.95
N SER A 61 6.04 -29.38 36.84
CA SER A 61 5.57 -28.34 35.94
C SER A 61 5.25 -28.81 34.54
N LEU A 62 4.39 -28.04 33.87
CA LEU A 62 4.05 -28.24 32.48
C LEU A 62 3.71 -26.90 31.87
N PHE A 63 4.04 -26.74 30.60
CA PHE A 63 3.79 -25.48 29.91
C PHE A 63 2.69 -25.65 28.89
N GLY A 64 1.93 -24.59 28.67
CA GLY A 64 1.00 -24.55 27.56
C GLY A 64 -0.13 -25.55 27.60
N MET A 65 -0.95 -25.54 28.65
CA MET A 65 -2.16 -26.35 28.62
C MET A 65 -3.33 -25.49 28.15
N GLN A 66 -4.49 -26.11 27.91
CA GLN A 66 -5.69 -25.37 27.56
C GLN A 66 -6.94 -26.17 27.89
N ALA A 67 -8.01 -25.48 28.25
CA ALA A 67 -9.27 -26.14 28.64
C ALA A 67 -10.48 -25.38 28.12
N ARG A 68 -11.58 -26.10 27.97
CA ARG A 68 -12.83 -25.50 27.54
C ARG A 68 -13.95 -25.89 28.48
N TYR A 69 -14.51 -24.92 29.18
CA TYR A 69 -15.57 -25.19 30.13
C TYR A 69 -16.88 -24.58 29.65
N ASN A 70 -17.94 -25.38 29.72
CA ASN A 70 -19.20 -25.00 29.11
C ASN A 70 -20.04 -24.11 30.03
N LEU A 71 -20.30 -22.89 29.57
CA LEU A 71 -21.00 -21.90 30.38
C LEU A 71 -22.49 -21.83 30.06
N ARG A 72 -22.93 -22.63 29.10
CA ARG A 72 -24.36 -22.74 28.83
C ARG A 72 -24.88 -23.96 29.58
N ASN A 73 -26.10 -23.83 30.11
CA ASN A 73 -26.72 -24.89 30.88
C ASN A 73 -26.07 -25.12 32.24
N GLU A 74 -24.94 -24.48 32.50
CA GLU A 74 -24.21 -24.77 33.72
C GLU A 74 -23.10 -23.78 34.08
N PHE A 75 -22.46 -24.02 35.22
CA PHE A 75 -21.35 -23.20 35.71
C PHE A 75 -20.26 -24.15 36.20
N PRO A 76 -18.99 -23.81 35.92
CA PRO A 76 -17.89 -24.74 36.21
C PRO A 76 -17.25 -24.56 37.59
N LEU A 77 -17.98 -24.89 38.64
CA LEU A 77 -17.39 -24.88 39.98
C LEU A 77 -17.00 -26.30 40.34
N LEU A 78 -15.75 -26.47 40.76
CA LEU A 78 -15.20 -27.81 41.01
C LEU A 78 -16.00 -28.58 42.06
N THR A 79 -16.49 -29.75 41.67
CA THR A 79 -17.21 -30.62 42.59
C THR A 79 -16.28 -31.67 43.20
N THR A 80 -15.06 -31.76 42.67
CA THR A 80 -14.10 -32.75 43.16
C THR A 80 -13.55 -32.32 44.50
N LYS A 81 -13.31 -31.03 44.65
CA LYS A 81 -12.97 -30.45 45.94
C LYS A 81 -13.71 -29.13 46.05
N ARG A 82 -14.36 -28.93 47.19
CA ARG A 82 -15.18 -27.74 47.39
C ARG A 82 -14.37 -26.47 47.22
N VAL A 83 -14.83 -25.62 46.31
CA VAL A 83 -14.14 -24.37 46.00
C VAL A 83 -14.81 -23.22 46.73
N PHE A 84 -14.02 -22.26 47.19
CA PHE A 84 -14.57 -21.21 48.02
C PHE A 84 -15.35 -20.28 47.09
N TRP A 85 -16.67 -20.28 47.25
CA TRP A 85 -17.57 -19.66 46.28
C TRP A 85 -17.72 -18.16 46.51
N ARG A 86 -17.87 -17.78 47.77
CA ARG A 86 -18.18 -16.39 48.10
C ARG A 86 -16.92 -15.53 48.13
N ALA A 87 -15.76 -16.18 48.18
CA ALA A 87 -14.50 -15.47 47.99
C ALA A 87 -14.28 -15.26 46.50
N VAL A 88 -14.77 -16.21 45.71
CA VAL A 88 -14.77 -16.09 44.27
C VAL A 88 -15.68 -14.95 43.81
N VAL A 89 -16.80 -14.80 44.51
CA VAL A 89 -17.78 -13.77 44.18
C VAL A 89 -17.38 -12.39 44.71
N GLU A 90 -16.87 -12.35 45.92
CA GLU A 90 -16.54 -11.07 46.55
C GLU A 90 -15.23 -10.48 46.05
N GLU A 91 -14.29 -11.35 45.68
CA GLU A 91 -13.03 -10.89 45.11
C GLU A 91 -13.28 -10.19 43.77
N LEU A 92 -14.18 -10.76 43.00
CA LEU A 92 -14.52 -10.21 41.69
C LEU A 92 -15.10 -8.81 41.80
N LEU A 93 -16.18 -8.68 42.56
CA LEU A 93 -16.86 -7.39 42.73
C LEU A 93 -15.89 -6.37 43.31
N TRP A 94 -14.83 -6.88 43.92
CA TRP A 94 -13.74 -6.07 44.43
C TRP A 94 -12.85 -5.63 43.29
N PHE A 95 -12.83 -6.43 42.22
CA PHE A 95 -12.11 -6.09 41.00
C PHE A 95 -12.91 -5.08 40.17
N ILE A 96 -14.24 -5.23 40.20
CA ILE A 96 -15.13 -4.36 39.46
C ILE A 96 -15.22 -2.99 40.12
N ARG A 97 -14.96 -2.95 41.41
CA ARG A 97 -14.94 -1.69 42.16
C ARG A 97 -13.73 -0.86 41.77
N GLY A 98 -12.58 -1.50 41.71
CA GLY A 98 -11.34 -0.81 41.37
C GLY A 98 -10.57 -0.42 42.62
N SER A 99 -10.91 -1.04 43.74
CA SER A 99 -10.23 -0.76 44.99
C SER A 99 -9.23 -1.85 45.32
N THR A 100 -7.94 -1.51 45.33
CA THR A 100 -6.94 -2.49 45.70
C THR A 100 -6.64 -2.34 47.18
N ASP A 101 -7.15 -3.27 47.97
CA ASP A 101 -6.97 -3.23 49.41
C ASP A 101 -7.25 -4.60 50.02
N SER A 102 -6.68 -4.86 51.19
CA SER A 102 -7.03 -6.04 51.95
C SER A 102 -8.29 -5.81 52.78
N LYS A 103 -8.32 -4.67 53.47
CA LYS A 103 -9.30 -4.43 54.52
C LYS A 103 -10.74 -4.42 54.01
N GLU A 104 -10.94 -4.01 52.77
CA GLU A 104 -12.29 -3.99 52.22
C GLU A 104 -12.87 -5.40 52.09
N LEU A 105 -12.03 -6.33 51.65
CA LEU A 105 -12.46 -7.72 51.50
C LEU A 105 -12.41 -8.50 52.81
N ALA A 106 -11.63 -8.00 53.77
CA ALA A 106 -11.54 -8.63 55.09
C ALA A 106 -12.80 -8.34 55.90
N ALA A 107 -13.54 -7.32 55.47
CA ALA A 107 -14.80 -6.96 56.09
C ALA A 107 -15.92 -7.93 55.68
N LYS A 108 -15.64 -8.74 54.66
CA LYS A 108 -16.56 -9.77 54.22
C LYS A 108 -16.23 -11.08 54.90
N ASP A 109 -15.28 -11.02 55.82
CA ASP A 109 -14.65 -12.22 56.38
C ASP A 109 -13.94 -12.95 55.27
N ILE A 110 -13.25 -12.18 54.42
CA ILE A 110 -12.41 -12.78 53.39
C ILE A 110 -11.00 -12.23 53.48
N HIS A 111 -10.09 -13.07 53.95
CA HIS A 111 -8.71 -12.69 54.26
C HIS A 111 -7.72 -13.09 53.18
N ILE A 112 -8.22 -13.66 52.09
CA ILE A 112 -7.36 -14.20 51.03
C ILE A 112 -6.35 -13.20 50.52
N TRP A 113 -6.61 -11.92 50.75
CA TRP A 113 -5.68 -10.87 50.35
C TRP A 113 -5.04 -10.18 51.56
N GLY A 133 -2.06 -4.21 53.53
CA GLY A 133 -2.80 -2.98 53.32
C GLY A 133 -3.19 -2.83 51.87
N ASP A 134 -2.62 -1.81 51.21
CA ASP A 134 -2.81 -1.64 49.78
C ASP A 134 -1.88 -2.57 49.04
N LEU A 135 -2.46 -3.47 48.25
CA LEU A 135 -1.69 -4.47 47.50
C LEU A 135 -0.90 -3.84 46.38
N GLY A 136 -1.15 -2.56 46.12
CA GLY A 136 -0.56 -1.90 44.98
C GLY A 136 -1.59 -1.89 43.86
N PRO A 137 -1.16 -1.54 42.63
CA PRO A 137 -2.07 -1.45 41.48
C PRO A 137 -2.41 -2.82 40.91
N ILE A 138 -3.30 -3.56 41.55
CA ILE A 138 -3.64 -4.91 41.10
C ILE A 138 -4.77 -4.90 40.08
N TYR A 139 -5.30 -6.09 39.81
CA TYR A 139 -6.30 -6.30 38.76
C TYR A 139 -7.42 -5.28 38.81
N GLY A 140 -7.91 -5.02 40.01
CA GLY A 140 -9.01 -4.11 40.22
C GLY A 140 -8.67 -2.74 39.67
N PHE A 141 -7.41 -2.36 39.81
CA PHE A 141 -6.93 -1.10 39.26
C PHE A 141 -6.80 -1.19 37.73
N GLN A 142 -6.09 -2.22 37.27
CA GLN A 142 -5.82 -2.42 35.85
C GLN A 142 -7.10 -2.50 35.02
N TRP A 143 -8.04 -3.31 35.48
CA TRP A 143 -9.35 -3.41 34.83
C TRP A 143 -9.95 -2.03 34.57
N ARG A 144 -10.22 -1.31 35.66
CA ARG A 144 -10.92 -0.05 35.60
C ARG A 144 -10.01 1.13 35.20
N HIS A 145 -8.74 1.09 35.59
CA HIS A 145 -7.82 2.18 35.24
C HIS A 145 -6.46 1.68 34.78
N PHE A 146 -6.10 2.00 33.54
CA PHE A 146 -4.83 1.55 32.97
C PHE A 146 -3.97 2.75 32.61
N GLY A 147 -2.75 2.79 33.12
CA GLY A 147 -1.85 3.88 32.83
C GLY A 147 -2.20 5.13 33.62
N ALA A 148 -2.78 4.93 34.80
CA ALA A 148 -3.10 6.03 35.71
C ALA A 148 -2.12 6.04 36.87
N GLU A 149 -1.62 7.23 37.21
CA GLU A 149 -0.62 7.36 38.27
C GLU A 149 -1.16 6.86 39.61
N TYR A 150 -0.42 5.95 40.24
CA TYR A 150 -0.86 5.34 41.49
C TYR A 150 -0.18 5.97 42.70
N LYS A 151 -0.98 6.25 43.73
CA LYS A 151 -0.49 6.65 45.04
C LYS A 151 -0.79 5.53 46.04
N ASP A 152 -2.07 5.41 46.37
CA ASP A 152 -2.57 4.32 47.18
C ASP A 152 -4.07 4.22 46.94
N CYS A 153 -4.74 3.25 47.55
CA CYS A 153 -6.15 3.04 47.27
C CYS A 153 -7.02 3.99 48.10
N GLN A 154 -6.38 4.83 48.89
CA GLN A 154 -7.08 5.89 49.60
C GLN A 154 -7.26 7.09 48.67
N SER A 155 -6.61 7.02 47.51
CA SER A 155 -6.78 8.03 46.47
C SER A 155 -7.83 7.54 45.47
N ASN A 156 -8.61 8.46 44.92
CA ASN A 156 -9.65 8.09 43.97
C ASN A 156 -9.10 8.09 42.56
N TYR A 157 -9.04 6.89 41.98
CA TYR A 157 -8.40 6.68 40.69
C TYR A 157 -9.36 6.71 39.50
N LEU A 158 -10.61 7.05 39.74
CA LEU A 158 -11.56 7.20 38.64
C LEU A 158 -11.14 8.41 37.83
N GLN A 159 -11.86 8.70 36.76
CA GLN A 159 -11.52 9.82 35.90
C GLN A 159 -10.23 9.56 35.11
N GLN A 160 -9.49 8.52 35.48
CA GLN A 160 -8.17 8.29 34.90
C GLN A 160 -8.03 6.99 34.13
N GLY A 161 -6.83 6.79 33.57
CA GLY A 161 -6.44 5.57 32.91
C GLY A 161 -7.30 5.22 31.71
N ILE A 162 -7.25 3.95 31.31
CA ILE A 162 -8.17 3.42 30.31
C ILE A 162 -8.96 2.29 30.94
N ASP A 163 -10.27 2.50 31.09
CA ASP A 163 -11.11 1.51 31.75
C ASP A 163 -11.42 0.38 30.77
N GLN A 164 -10.92 -0.80 31.09
CA GLN A 164 -10.99 -1.94 30.18
C GLN A 164 -12.34 -2.64 30.28
N LEU A 165 -12.80 -2.85 31.50
CA LEU A 165 -14.03 -3.61 31.75
C LEU A 165 -15.20 -2.98 31.00
N GLN A 166 -15.35 -1.67 31.11
CA GLN A 166 -16.43 -0.96 30.45
C GLN A 166 -16.20 -0.86 28.94
N THR A 167 -14.94 -0.68 28.55
CA THR A 167 -14.60 -0.54 27.13
C THR A 167 -14.79 -1.87 26.40
N VAL A 168 -14.87 -2.95 27.16
CA VAL A 168 -15.25 -4.24 26.59
C VAL A 168 -16.76 -4.30 26.42
N ILE A 169 -17.47 -3.75 27.41
CA ILE A 169 -18.93 -3.74 27.39
C ILE A 169 -19.46 -2.81 26.31
N ASP A 170 -18.96 -1.58 26.31
CA ASP A 170 -19.31 -0.59 25.31
C ASP A 170 -19.17 -1.16 23.91
N THR A 171 -18.13 -1.96 23.71
CA THR A 171 -17.76 -2.45 22.39
C THR A 171 -18.60 -3.66 21.97
N ILE A 172 -19.20 -4.34 22.93
CA ILE A 172 -19.99 -5.53 22.61
C ILE A 172 -21.37 -5.19 22.07
N LYS A 173 -21.96 -4.13 22.63
CA LYS A 173 -23.31 -3.73 22.25
C LYS A 173 -23.32 -2.94 20.95
N THR A 174 -22.20 -2.30 20.64
CA THR A 174 -22.06 -1.55 19.41
C THR A 174 -21.53 -2.43 18.30
N ASN A 175 -20.26 -2.82 18.41
CA ASN A 175 -19.68 -3.70 17.41
C ASN A 175 -20.00 -5.15 17.71
N PRO A 176 -20.85 -5.76 16.87
CA PRO A 176 -21.34 -7.13 17.08
C PRO A 176 -20.18 -8.12 17.08
N GLU A 177 -19.14 -7.80 16.32
CA GLU A 177 -17.99 -8.67 16.19
C GLU A 177 -16.70 -7.89 16.41
N SER A 178 -15.95 -8.25 17.44
CA SER A 178 -14.63 -7.66 17.63
C SER A 178 -13.69 -8.67 18.26
N ARG A 179 -12.46 -8.72 17.76
CA ARG A 179 -11.45 -9.59 18.33
C ARG A 179 -10.54 -8.80 19.26
N ARG A 180 -10.77 -7.50 19.30
CA ARG A 180 -9.90 -6.57 20.02
C ARG A 180 -10.41 -6.24 21.42
N MET A 181 -11.43 -6.94 21.89
CA MET A 181 -11.98 -6.66 23.20
C MET A 181 -11.24 -7.48 24.26
N ILE A 182 -10.45 -6.79 25.06
CA ILE A 182 -9.48 -7.41 25.94
C ILE A 182 -9.29 -6.63 27.22
N ILE A 183 -9.07 -7.35 28.32
CA ILE A 183 -8.72 -6.74 29.60
C ILE A 183 -7.34 -7.20 30.04
N SER A 184 -6.39 -6.27 30.06
CA SER A 184 -4.99 -6.62 30.33
C SER A 184 -4.55 -6.20 31.72
N SER A 185 -4.02 -7.16 32.45
CA SER A 185 -3.54 -6.94 33.82
C SER A 185 -2.05 -6.67 33.88
N TRP A 186 -1.39 -6.64 32.72
CA TRP A 186 0.05 -6.51 32.70
C TRP A 186 0.50 -5.10 32.34
N ASN A 187 1.05 -4.40 33.32
CA ASN A 187 1.66 -3.10 33.11
C ASN A 187 2.99 -3.03 33.82
N PRO A 188 4.07 -3.40 33.11
CA PRO A 188 5.42 -3.57 33.65
C PRO A 188 5.91 -2.37 34.49
N LYS A 189 5.32 -1.21 34.29
CA LYS A 189 5.67 -0.04 35.10
C LYS A 189 5.02 -0.10 36.48
N ASP A 190 3.77 -0.52 36.53
CA ASP A 190 3.07 -0.66 37.81
C ASP A 190 3.47 -1.93 38.54
N ILE A 191 3.73 -2.99 37.77
CA ILE A 191 3.98 -4.34 38.28
C ILE A 191 4.93 -4.41 39.47
N PRO A 192 6.07 -3.69 39.40
CA PRO A 192 7.01 -3.68 40.52
C PRO A 192 6.41 -3.05 41.79
N LEU A 193 5.31 -2.31 41.62
CA LEU A 193 4.62 -1.71 42.75
C LEU A 193 3.57 -2.65 43.36
N MET A 194 3.26 -3.73 42.66
CA MET A 194 2.30 -4.71 43.14
C MET A 194 2.92 -5.64 44.18
N VAL A 195 2.08 -6.22 45.02
CA VAL A 195 2.55 -7.22 45.98
C VAL A 195 2.76 -8.55 45.26
N LEU A 196 2.32 -8.61 44.01
CA LEU A 196 2.57 -9.75 43.16
C LEU A 196 1.99 -9.50 41.78
N PRO A 197 2.75 -9.87 40.74
CA PRO A 197 2.31 -9.72 39.34
C PRO A 197 1.08 -10.56 39.08
N PRO A 198 0.20 -10.09 38.18
CA PRO A 198 -1.01 -10.86 37.93
C PRO A 198 -0.71 -12.25 37.37
N CYS A 199 -1.28 -13.27 38.00
CA CYS A 199 -1.14 -14.62 37.49
C CYS A 199 -2.02 -14.74 36.28
N HIS A 200 -3.01 -13.86 36.23
CA HIS A 200 -3.94 -13.80 35.11
C HIS A 200 -3.59 -12.57 34.31
N THR A 201 -2.99 -12.79 33.14
CA THR A 201 -2.43 -11.69 32.36
C THR A 201 -3.54 -10.87 31.73
N LEU A 202 -4.49 -11.57 31.13
CA LEU A 202 -5.60 -10.90 30.47
C LEU A 202 -6.73 -11.86 30.12
N CYS A 203 -7.77 -11.31 29.53
CA CYS A 203 -8.86 -12.10 29.00
C CYS A 203 -9.26 -11.53 27.65
N GLN A 204 -10.05 -12.30 26.91
CA GLN A 204 -10.57 -11.80 25.63
C GLN A 204 -11.96 -12.39 25.38
N PHE A 205 -12.82 -11.57 24.79
CA PHE A 205 -14.22 -11.96 24.62
C PHE A 205 -14.57 -12.09 23.15
N TYR A 206 -15.41 -13.08 22.85
CA TYR A 206 -15.77 -13.44 21.48
C TYR A 206 -17.26 -13.79 21.45
N VAL A 207 -17.99 -13.22 20.49
CA VAL A 207 -19.42 -13.50 20.39
C VAL A 207 -19.80 -14.06 19.03
N ALA A 208 -20.39 -15.24 19.03
CA ALA A 208 -20.86 -15.88 17.81
C ALA A 208 -22.24 -16.46 18.01
N ASN A 209 -23.20 -16.02 17.21
CA ASN A 209 -24.57 -16.51 17.34
C ASN A 209 -25.17 -16.21 18.71
N GLY A 210 -24.73 -15.12 19.33
CA GLY A 210 -25.36 -14.63 20.54
C GLY A 210 -24.73 -15.01 21.87
N GLU A 211 -23.93 -16.08 21.89
CA GLU A 211 -23.40 -16.59 23.15
C GLU A 211 -21.97 -16.14 23.41
N LEU A 212 -21.75 -15.63 24.62
CA LEU A 212 -20.48 -15.04 25.01
C LEU A 212 -19.45 -16.09 25.42
N SER A 213 -18.21 -15.89 25.00
CA SER A 213 -17.11 -16.78 25.38
C SER A 213 -15.92 -16.00 25.91
N CYS A 214 -15.27 -16.54 26.93
CA CYS A 214 -14.12 -15.87 27.51
C CYS A 214 -12.93 -16.80 27.53
N GLN A 215 -11.80 -16.28 27.08
CA GLN A 215 -10.53 -16.94 27.27
C GLN A 215 -9.68 -16.13 28.23
N VAL A 216 -9.17 -16.78 29.27
CA VAL A 216 -8.27 -16.12 30.19
C VAL A 216 -6.90 -16.77 30.12
N TYR A 217 -5.87 -15.95 29.93
CA TYR A 217 -4.51 -16.46 29.89
C TYR A 217 -3.89 -16.34 31.28
N GLN A 218 -3.67 -17.48 31.92
CA GLN A 218 -3.06 -17.51 33.24
C GLN A 218 -1.67 -18.09 33.14
N ARG A 219 -0.68 -17.24 33.32
CA ARG A 219 0.72 -17.60 33.16
C ARG A 219 1.15 -18.71 34.10
N SER A 220 0.67 -18.65 35.33
CA SER A 220 1.09 -19.61 36.35
C SER A 220 -0.07 -19.98 37.26
N GLY A 221 -0.21 -21.27 37.54
CA GLY A 221 -1.20 -21.71 38.49
C GLY A 221 -0.93 -23.05 39.14
N ASP A 222 -1.45 -23.21 40.35
CA ASP A 222 -1.33 -24.47 41.06
C ASP A 222 -2.66 -25.18 40.86
N MET A 223 -2.61 -26.49 40.70
CA MET A 223 -3.81 -27.26 40.46
C MET A 223 -4.59 -27.46 41.75
N GLY A 224 -3.88 -27.45 42.88
CA GLY A 224 -4.50 -27.65 44.17
C GLY A 224 -5.27 -26.45 44.70
N LEU A 225 -4.66 -25.27 44.64
CA LEU A 225 -5.26 -24.06 45.19
C LEU A 225 -5.87 -23.18 44.12
N GLY A 226 -5.02 -22.54 43.35
CA GLY A 226 -5.41 -21.43 42.49
C GLY A 226 -6.34 -21.64 41.32
N VAL A 227 -5.98 -22.53 40.39
CA VAL A 227 -6.71 -22.61 39.13
C VAL A 227 -8.17 -23.05 39.34
N PRO A 228 -8.42 -23.95 40.29
CA PRO A 228 -9.83 -24.27 40.55
C PRO A 228 -10.61 -23.03 40.94
N PHE A 229 -9.99 -22.21 41.79
CA PHE A 229 -10.60 -20.97 42.24
C PHE A 229 -10.89 -20.02 41.09
N ASN A 230 -9.88 -19.80 40.24
CA ASN A 230 -9.97 -18.83 39.16
C ASN A 230 -10.67 -19.35 37.93
N ILE A 231 -10.95 -20.64 37.91
CA ILE A 231 -11.83 -21.21 36.91
C ILE A 231 -13.20 -20.59 37.11
N ALA A 232 -13.68 -20.70 38.35
CA ALA A 232 -14.93 -20.09 38.76
C ALA A 232 -14.90 -18.57 38.60
N GLY A 233 -13.73 -17.99 38.85
CA GLY A 233 -13.57 -16.55 38.84
C GLY A 233 -13.80 -15.92 37.49
N TYR A 234 -13.18 -16.50 36.46
CA TYR A 234 -13.29 -15.96 35.12
C TYR A 234 -14.51 -16.51 34.38
N ALA A 235 -15.08 -17.59 34.88
CA ALA A 235 -16.35 -18.09 34.35
C ALA A 235 -17.48 -17.28 34.97
N LEU A 236 -17.14 -16.60 36.06
CA LEU A 236 -18.07 -15.75 36.79
C LEU A 236 -18.24 -14.43 36.06
N LEU A 237 -17.15 -13.94 35.49
CA LEU A 237 -17.14 -12.66 34.79
C LEU A 237 -17.87 -12.73 33.45
N THR A 238 -17.80 -13.88 32.80
CA THR A 238 -18.52 -14.08 31.54
C THR A 238 -20.01 -13.89 31.79
N TYR A 239 -20.53 -14.62 32.77
CA TYR A 239 -21.92 -14.49 33.21
C TYR A 239 -22.32 -13.04 33.42
N ILE A 240 -21.45 -12.30 34.09
CA ILE A 240 -21.74 -10.90 34.41
C ILE A 240 -21.80 -10.02 33.16
N VAL A 241 -20.75 -10.04 32.35
CA VAL A 241 -20.69 -9.18 31.17
C VAL A 241 -21.70 -9.65 30.12
N ALA A 242 -21.91 -10.96 30.07
CA ALA A 242 -22.91 -11.51 29.17
C ALA A 242 -24.27 -11.01 29.58
N HIS A 243 -24.42 -10.78 30.89
CA HIS A 243 -25.67 -10.31 31.44
C HIS A 243 -25.97 -8.88 31.04
N VAL A 244 -24.99 -8.00 31.28
CA VAL A 244 -25.12 -6.59 30.93
C VAL A 244 -25.33 -6.40 29.44
N THR A 245 -24.47 -7.04 28.65
CA THR A 245 -24.58 -7.00 27.20
C THR A 245 -25.84 -7.70 26.72
N GLY A 246 -26.48 -8.44 27.62
CA GLY A 246 -27.70 -9.16 27.29
C GLY A 246 -27.44 -10.34 26.38
N LEU A 247 -26.22 -10.88 26.45
CA LEU A 247 -25.87 -12.04 25.64
C LEU A 247 -25.94 -13.31 26.47
N LYS A 248 -25.68 -14.44 25.83
CA LYS A 248 -25.75 -15.74 26.50
C LYS A 248 -24.37 -16.17 26.95
N THR A 249 -24.25 -17.36 27.51
CA THR A 249 -22.93 -17.85 27.92
C THR A 249 -22.53 -19.05 27.08
N GLY A 250 -21.62 -18.84 26.14
CA GLY A 250 -21.12 -19.94 25.32
C GLY A 250 -20.13 -20.88 25.97
N ASP A 251 -18.95 -20.36 26.30
CA ASP A 251 -17.85 -21.19 26.80
C ASP A 251 -16.79 -20.38 27.53
N LEU A 252 -16.00 -21.04 28.36
CA LEU A 252 -14.87 -20.41 29.01
C LEU A 252 -13.59 -21.16 28.67
N ILE A 253 -12.71 -20.53 27.92
CA ILE A 253 -11.44 -21.15 27.58
C ILE A 253 -10.40 -20.73 28.60
N HIS A 254 -9.79 -21.73 29.24
CA HIS A 254 -8.81 -21.52 30.28
C HIS A 254 -7.41 -21.89 29.79
N THR A 255 -6.55 -20.90 29.58
CA THR A 255 -5.23 -21.16 29.03
C THR A 255 -4.16 -20.98 30.09
N MET A 256 -3.31 -22.00 30.26
CA MET A 256 -2.27 -21.95 31.28
C MET A 256 -0.86 -21.97 30.69
N GLY A 257 -0.01 -21.15 31.28
CA GLY A 257 1.43 -21.15 31.04
C GLY A 257 1.96 -22.22 31.96
N ASP A 258 3.11 -21.99 32.59
CA ASP A 258 3.64 -22.97 33.53
C ASP A 258 2.56 -23.31 34.54
N ALA A 259 2.26 -24.59 34.60
CA ALA A 259 1.21 -25.11 35.46
C ALA A 259 1.81 -26.19 36.33
N HIS A 260 1.87 -25.95 37.63
CA HIS A 260 2.60 -26.86 38.49
C HIS A 260 1.77 -27.56 39.56
N ILE A 261 2.44 -28.46 40.27
CA ILE A 261 1.87 -29.14 41.41
C ILE A 261 2.92 -29.19 42.51
N TYR A 262 2.63 -28.56 43.65
CA TYR A 262 3.57 -28.55 44.75
C TYR A 262 3.77 -29.97 45.29
N LEU A 263 4.98 -30.25 45.76
CA LEU A 263 5.35 -31.61 46.15
C LEU A 263 4.71 -32.03 47.47
N ASN A 264 4.06 -31.10 48.14
CA ASN A 264 3.22 -31.43 49.28
C ASN A 264 1.86 -31.93 48.82
N HIS A 265 1.35 -31.31 47.76
CA HIS A 265 -0.03 -31.46 47.33
C HIS A 265 -0.23 -32.71 46.49
N ILE A 266 0.86 -33.45 46.25
CA ILE A 266 0.78 -34.64 45.40
C ILE A 266 -0.24 -35.63 45.91
N ASP A 267 0.03 -36.21 47.08
CA ASP A 267 -0.83 -37.22 47.68
C ASP A 267 -2.23 -36.68 47.87
N ALA A 268 -2.32 -35.41 48.23
CA ALA A 268 -3.60 -34.73 48.36
C ALA A 268 -4.32 -34.70 47.02
N LEU A 269 -3.58 -34.40 45.97
CA LEU A 269 -4.13 -34.39 44.62
C LEU A 269 -4.44 -35.80 44.15
N LYS A 270 -3.70 -36.78 44.67
CA LYS A 270 -3.88 -38.16 44.27
C LYS A 270 -5.09 -38.77 44.96
N VAL A 271 -5.51 -38.15 46.05
CA VAL A 271 -6.76 -38.53 46.71
C VAL A 271 -7.94 -37.96 45.93
N GLN A 272 -7.77 -36.75 45.45
CA GLN A 272 -8.82 -36.04 44.73
C GLN A 272 -9.22 -36.76 43.44
N LEU A 273 -8.22 -37.09 42.61
CA LEU A 273 -8.50 -37.76 41.34
C LEU A 273 -9.16 -39.12 41.55
N ALA A 274 -9.01 -39.65 42.77
CA ALA A 274 -9.63 -40.92 43.13
C ALA A 274 -11.14 -40.77 43.22
N ARG A 275 -11.61 -39.54 43.15
CA ARG A 275 -13.02 -39.24 43.31
C ARG A 275 -13.68 -38.92 41.97
N SER A 276 -14.77 -39.62 41.68
CA SER A 276 -15.55 -39.36 40.49
C SER A 276 -16.21 -38.00 40.60
N PRO A 277 -15.86 -37.07 39.69
CA PRO A 277 -16.45 -35.73 39.68
C PRO A 277 -17.97 -35.78 39.60
N LYS A 278 -18.62 -34.82 40.23
CA LYS A 278 -20.08 -34.79 40.22
C LYS A 278 -20.54 -33.57 39.44
N PRO A 279 -21.74 -33.66 38.86
CA PRO A 279 -22.32 -32.72 37.89
C PRO A 279 -22.25 -31.25 38.30
N PHE A 280 -21.81 -30.42 37.38
CA PHE A 280 -21.65 -28.98 37.62
C PHE A 280 -22.97 -28.29 37.94
N PRO A 281 -22.89 -27.15 38.64
CA PRO A 281 -24.03 -26.27 38.93
C PRO A 281 -24.40 -25.39 37.74
N CYS A 282 -25.65 -24.96 37.71
CA CYS A 282 -26.11 -23.96 36.74
C CYS A 282 -26.55 -22.71 37.50
N LEU A 283 -25.91 -21.59 37.20
CA LEU A 283 -26.07 -20.38 37.99
C LEU A 283 -27.15 -19.46 37.46
N LYS A 284 -27.85 -18.79 38.38
CA LYS A 284 -28.98 -17.92 38.08
C LYS A 284 -28.75 -16.52 38.64
N ILE A 285 -29.12 -15.49 37.86
CA ILE A 285 -28.99 -14.11 38.31
C ILE A 285 -30.37 -13.50 38.52
N ILE A 286 -30.71 -13.24 39.78
CA ILE A 286 -32.07 -12.87 40.14
C ILE A 286 -32.46 -11.48 39.67
N ARG A 287 -31.67 -10.48 40.06
CA ARG A 287 -31.96 -9.10 39.71
C ARG A 287 -31.21 -8.73 38.44
N ASN A 288 -31.93 -8.16 37.46
CA ASN A 288 -31.33 -7.83 36.19
C ASN A 288 -30.73 -6.42 36.21
N VAL A 289 -29.41 -6.35 36.11
CA VAL A 289 -28.67 -5.13 36.39
C VAL A 289 -28.02 -4.56 35.14
N THR A 290 -28.25 -3.27 34.88
CA THR A 290 -27.69 -2.64 33.70
C THR A 290 -26.38 -1.90 33.98
N ASP A 291 -25.93 -1.95 35.23
CA ASP A 291 -24.62 -1.39 35.57
C ASP A 291 -23.72 -2.48 36.11
N ILE A 292 -22.43 -2.35 35.82
CA ILE A 292 -21.45 -3.38 36.18
C ILE A 292 -21.04 -3.29 37.64
N ASN A 293 -21.08 -2.08 38.19
CA ASN A 293 -20.68 -1.87 39.57
C ASN A 293 -21.87 -2.01 40.52
N ASP A 294 -23.01 -2.40 39.96
CA ASP A 294 -24.24 -2.56 40.74
C ASP A 294 -24.43 -4.01 41.22
N PHE A 295 -23.56 -4.91 40.78
CA PHE A 295 -23.66 -6.33 41.16
C PHE A 295 -23.11 -6.58 42.56
N LYS A 296 -23.92 -7.21 43.41
CA LYS A 296 -23.45 -7.62 44.73
C LYS A 296 -23.88 -9.06 45.04
N TRP A 297 -23.47 -9.56 46.20
CA TRP A 297 -23.69 -10.96 46.58
C TRP A 297 -25.13 -11.42 46.43
N ASP A 298 -26.06 -10.61 46.90
CA ASP A 298 -27.45 -11.04 47.09
C ASP A 298 -28.17 -11.26 45.76
N ASP A 299 -27.51 -10.90 44.66
CA ASP A 299 -28.09 -11.07 43.33
C ASP A 299 -27.69 -12.42 42.75
N PHE A 300 -26.99 -13.22 43.55
CA PHE A 300 -26.43 -14.49 43.08
C PHE A 300 -26.98 -15.70 43.84
N GLN A 301 -27.47 -16.68 43.09
CA GLN A 301 -27.92 -17.94 43.65
C GLN A 301 -27.26 -19.13 42.96
N LEU A 302 -26.41 -19.87 43.67
CA LEU A 302 -25.73 -21.02 43.08
C LEU A 302 -26.45 -22.32 43.42
N ASP A 303 -27.00 -22.96 42.39
CA ASP A 303 -27.72 -24.22 42.59
C ASP A 303 -26.92 -25.39 42.05
N GLY A 304 -26.99 -26.52 42.74
CA GLY A 304 -26.39 -27.76 42.26
C GLY A 304 -24.98 -28.07 42.73
N TYR A 305 -24.57 -27.46 43.84
CA TYR A 305 -23.25 -27.73 44.38
C TYR A 305 -23.32 -28.84 45.42
N ASN A 306 -22.79 -30.00 45.07
CA ASN A 306 -22.74 -31.12 45.99
C ASN A 306 -21.34 -31.72 45.97
N PRO A 307 -20.36 -30.95 46.45
CA PRO A 307 -18.94 -31.28 46.42
C PRO A 307 -18.60 -32.39 47.38
N HIS A 308 -17.32 -32.62 47.57
CA HIS A 308 -16.82 -33.67 48.46
C HIS A 308 -16.16 -33.01 49.65
N PRO A 309 -16.06 -33.74 50.77
CA PRO A 309 -15.31 -33.18 51.89
C PRO A 309 -13.91 -32.79 51.42
N PRO A 310 -13.52 -31.53 51.65
CA PRO A 310 -12.22 -31.02 51.17
C PRO A 310 -11.04 -31.65 51.89
N LEU A 311 -9.85 -31.56 51.28
CA LEU A 311 -8.61 -32.07 51.86
C LEU A 311 -8.76 -33.43 52.53
N THR B 30 -3.26 -35.52 20.80
CA THR B 30 -1.88 -35.17 20.50
C THR B 30 -1.58 -35.14 19.01
N LEU B 31 -1.02 -34.04 18.53
CA LEU B 31 -0.45 -34.00 17.18
C LEU B 31 0.96 -33.42 17.24
N THR B 32 1.06 -32.14 17.62
CA THR B 32 2.33 -31.45 17.85
C THR B 32 2.92 -30.87 16.56
N GLY B 33 2.29 -31.14 15.43
CA GLY B 33 2.86 -30.68 14.19
C GLY B 33 2.11 -29.57 13.48
N GLU B 34 2.53 -29.34 12.24
CA GLU B 34 1.79 -28.50 11.29
C GLU B 34 0.49 -29.20 10.91
N LEU B 35 0.44 -30.50 11.21
CA LEU B 35 -0.79 -31.28 11.07
C LEU B 35 -1.88 -30.73 11.99
N GLN B 36 -1.46 -30.15 13.10
CA GLN B 36 -2.39 -29.52 14.01
C GLN B 36 -2.95 -28.24 13.39
N TYR B 37 -2.06 -27.38 12.91
CA TYR B 37 -2.45 -26.14 12.25
C TYR B 37 -3.50 -26.39 11.18
N LEU B 38 -3.29 -27.43 10.39
CA LEU B 38 -4.21 -27.80 9.33
C LEU B 38 -5.48 -28.39 9.92
N LYS B 39 -5.37 -28.99 11.11
CA LYS B 39 -6.52 -29.57 11.77
C LYS B 39 -7.41 -28.47 12.32
N GLN B 40 -6.79 -27.34 12.65
CA GLN B 40 -7.50 -26.15 13.08
C GLN B 40 -8.28 -25.56 11.91
N VAL B 41 -7.58 -25.37 10.80
CA VAL B 41 -8.18 -24.95 9.53
C VAL B 41 -9.36 -25.86 9.18
N ASP B 42 -9.16 -27.16 9.34
CA ASP B 42 -10.18 -28.15 9.05
C ASP B 42 -11.35 -28.02 10.02
N ASP B 43 -11.04 -27.91 11.30
CA ASP B 43 -12.07 -27.77 12.32
C ASP B 43 -12.71 -26.39 12.30
N ILE B 44 -12.00 -25.42 11.75
CA ILE B 44 -12.62 -24.13 11.49
C ILE B 44 -13.51 -24.21 10.26
N LEU B 45 -12.98 -24.78 9.19
CA LEU B 45 -13.71 -24.86 7.93
C LEU B 45 -14.97 -25.70 8.05
N ARG B 46 -14.86 -26.84 8.73
CA ARG B 46 -16.05 -27.66 8.96
C ARG B 46 -17.04 -26.91 9.84
N TYR B 47 -16.61 -26.56 11.04
CA TYR B 47 -17.50 -26.08 12.09
C TYR B 47 -17.53 -24.56 12.27
N GLY B 48 -16.79 -23.82 11.44
CA GLY B 48 -16.66 -22.38 11.63
C GLY B 48 -17.97 -21.62 11.67
N VAL B 49 -18.00 -20.57 12.50
CA VAL B 49 -19.14 -19.67 12.58
C VAL B 49 -18.84 -18.37 11.85
N ARG B 50 -19.85 -17.84 11.17
CA ARG B 50 -19.64 -16.73 10.25
C ARG B 50 -19.81 -15.37 10.90
N LYS B 51 -18.72 -14.63 11.01
CA LYS B 51 -18.76 -13.28 11.54
C LYS B 51 -18.36 -12.25 10.48
N ARG B 52 -19.32 -11.46 10.02
CA ARG B 52 -19.03 -10.40 9.04
C ARG B 52 -18.52 -9.15 9.74
N ASP B 53 -17.37 -8.66 9.28
CA ASP B 53 -16.74 -7.49 9.89
C ASP B 53 -17.66 -6.27 9.86
N GLY B 56 -17.78 -5.77 5.78
CA GLY B 56 -18.50 -6.48 4.74
C GLY B 56 -17.79 -7.77 4.36
N ILE B 57 -16.60 -7.96 4.91
CA ILE B 57 -15.86 -9.18 4.65
C ILE B 57 -15.99 -10.15 5.81
N GLY B 58 -16.73 -11.24 5.56
CA GLY B 58 -17.01 -12.21 6.59
C GLY B 58 -15.98 -13.31 6.62
N THR B 59 -15.85 -13.95 7.77
CA THR B 59 -14.90 -15.03 7.94
C THR B 59 -15.55 -16.22 8.63
N LEU B 60 -14.79 -17.30 8.76
CA LEU B 60 -15.19 -18.39 9.62
C LEU B 60 -14.34 -18.26 10.88
N SER B 61 -14.96 -18.39 12.05
CA SER B 61 -14.24 -18.13 13.28
C SER B 61 -14.51 -19.15 14.38
N LEU B 62 -13.43 -19.59 15.02
CA LEU B 62 -13.53 -20.38 16.23
C LEU B 62 -12.73 -19.67 17.32
N PHE B 63 -12.74 -20.23 18.53
CA PHE B 63 -12.14 -19.55 19.67
C PHE B 63 -11.40 -20.49 20.60
N GLY B 64 -10.26 -20.03 21.11
CA GLY B 64 -9.49 -20.80 22.06
C GLY B 64 -8.78 -21.99 21.46
N MET B 65 -8.04 -21.76 20.39
CA MET B 65 -7.25 -22.82 19.79
C MET B 65 -5.85 -22.77 20.38
N GLN B 66 -5.27 -23.94 20.62
CA GLN B 66 -3.89 -24.00 21.08
C GLN B 66 -3.13 -25.12 20.39
N ALA B 67 -1.97 -24.79 19.83
CA ALA B 67 -1.17 -25.76 19.12
C ALA B 67 0.29 -25.70 19.55
N ARG B 68 0.88 -26.88 19.73
CA ARG B 68 2.27 -26.99 20.15
C ARG B 68 3.17 -27.25 18.93
N TYR B 69 4.27 -26.51 18.84
CA TYR B 69 5.24 -26.70 17.76
C TYR B 69 6.62 -27.03 18.32
N ASN B 70 7.09 -28.26 18.08
CA ASN B 70 8.36 -28.68 18.62
C ASN B 70 9.51 -27.89 18.03
N LEU B 71 10.31 -27.28 18.91
CA LEU B 71 11.47 -26.51 18.49
C LEU B 71 12.78 -27.30 18.61
N ARG B 72 12.71 -28.57 18.99
CA ARG B 72 13.92 -29.35 19.18
C ARG B 72 14.34 -30.05 17.90
N ASN B 73 15.45 -29.60 17.34
CA ASN B 73 16.03 -30.14 16.12
C ASN B 73 15.15 -30.02 14.87
N GLU B 74 14.22 -29.06 14.89
CA GLU B 74 13.52 -28.67 13.68
C GLU B 74 12.90 -27.29 13.86
N PHE B 75 12.64 -26.60 12.75
CA PHE B 75 12.06 -25.26 12.79
C PHE B 75 10.66 -25.26 12.20
N PRO B 76 9.67 -24.83 13.00
CA PRO B 76 8.27 -24.83 12.58
C PRO B 76 7.95 -23.81 11.49
N LEU B 77 8.64 -23.93 10.36
CA LEU B 77 8.32 -23.13 9.18
C LEU B 77 7.40 -23.98 8.31
N LEU B 78 6.19 -23.49 8.06
CA LEU B 78 5.14 -24.33 7.48
C LEU B 78 5.42 -24.69 6.02
N THR B 79 5.42 -25.99 5.73
CA THR B 79 5.78 -26.51 4.42
C THR B 79 4.61 -26.68 3.46
N THR B 80 3.39 -26.64 3.96
CA THR B 80 2.22 -26.87 3.11
C THR B 80 2.06 -25.74 2.09
N LYS B 81 2.49 -24.56 2.48
CA LYS B 81 2.52 -23.41 1.59
C LYS B 81 3.65 -22.51 2.02
N ARG B 82 4.31 -21.87 1.06
CA ARG B 82 5.53 -21.13 1.34
C ARG B 82 5.29 -19.87 2.20
N VAL B 83 6.04 -19.78 3.28
CA VAL B 83 6.02 -18.61 4.15
C VAL B 83 7.19 -17.70 3.78
N PHE B 84 6.99 -16.39 3.89
CA PHE B 84 8.05 -15.46 3.57
C PHE B 84 9.05 -15.43 4.73
N TRP B 85 10.29 -15.78 4.44
CA TRP B 85 11.30 -16.03 5.47
C TRP B 85 12.06 -14.77 5.83
N ARG B 86 12.74 -14.21 4.85
CA ARG B 86 13.56 -13.01 5.06
C ARG B 86 12.71 -11.89 5.66
N ALA B 87 11.41 -11.95 5.41
CA ALA B 87 10.48 -11.00 6.01
C ALA B 87 10.37 -11.26 7.50
N VAL B 88 10.16 -12.52 7.86
CA VAL B 88 10.09 -12.94 9.25
C VAL B 88 11.36 -12.59 9.99
N VAL B 89 12.49 -12.76 9.32
CA VAL B 89 13.79 -12.55 9.95
C VAL B 89 14.08 -11.07 10.13
N GLU B 90 13.67 -10.28 9.15
CA GLU B 90 13.99 -8.85 9.15
C GLU B 90 13.03 -8.04 10.01
N GLU B 91 11.85 -8.59 10.30
CA GLU B 91 10.88 -7.89 11.12
C GLU B 91 11.30 -7.92 12.59
N LEU B 92 11.79 -9.07 13.02
CA LEU B 92 12.19 -9.26 14.42
C LEU B 92 13.31 -8.31 14.80
N LEU B 93 14.31 -8.21 13.94
CA LEU B 93 15.41 -7.27 14.13
C LEU B 93 14.83 -5.86 14.15
N TRP B 94 13.79 -5.69 13.34
CA TRP B 94 13.05 -4.44 13.24
C TRP B 94 12.18 -4.27 14.48
N PHE B 95 11.77 -5.39 15.06
CA PHE B 95 11.06 -5.41 16.34
C PHE B 95 12.04 -5.21 17.49
N ILE B 96 13.14 -5.94 17.43
CA ILE B 96 14.08 -5.97 18.55
C ILE B 96 14.73 -4.62 18.85
N ARG B 97 15.17 -3.92 17.81
CA ARG B 97 15.87 -2.66 18.01
C ARG B 97 14.86 -1.56 18.36
N GLY B 98 13.58 -1.89 18.25
CA GLY B 98 12.54 -1.00 18.70
C GLY B 98 11.92 -0.18 17.58
N SER B 99 12.33 -0.44 16.34
CA SER B 99 11.90 0.36 15.20
C SER B 99 10.40 0.31 14.98
N THR B 100 9.77 1.49 14.96
CA THR B 100 8.36 1.63 14.58
C THR B 100 8.23 2.14 13.14
N ASP B 101 9.36 2.35 12.48
CA ASP B 101 9.42 2.93 11.14
C ASP B 101 9.45 1.87 10.04
N SER B 102 8.48 1.95 9.14
CA SER B 102 8.31 0.95 8.08
C SER B 102 9.23 1.17 6.89
N LYS B 103 9.77 2.39 6.77
CA LYS B 103 10.67 2.70 5.67
C LYS B 103 11.95 1.87 5.75
N GLU B 104 12.28 1.46 6.97
CA GLU B 104 13.52 0.74 7.20
C GLU B 104 13.42 -0.69 6.70
N LEU B 105 12.20 -1.22 6.62
CA LEU B 105 11.99 -2.55 6.08
C LEU B 105 11.98 -2.53 4.55
N ALA B 106 11.54 -1.40 4.00
CA ALA B 106 11.38 -1.25 2.56
C ALA B 106 12.72 -1.08 1.86
N ALA B 107 13.64 -0.37 2.52
CA ALA B 107 14.98 -0.22 1.99
C ALA B 107 15.65 -1.57 1.80
N LYS B 108 15.16 -2.56 2.54
CA LYS B 108 15.62 -3.93 2.39
C LYS B 108 14.67 -4.69 1.49
N ASP B 109 13.69 -3.98 0.95
CA ASP B 109 12.70 -4.56 0.05
C ASP B 109 11.82 -5.61 0.74
N ILE B 110 11.49 -5.34 2.01
CA ILE B 110 10.47 -6.10 2.70
C ILE B 110 9.29 -5.17 2.98
N HIS B 111 8.23 -5.36 2.22
CA HIS B 111 7.16 -4.37 2.13
C HIS B 111 5.88 -4.63 2.93
N ILE B 112 5.87 -5.72 3.71
CA ILE B 112 4.67 -6.11 4.45
C ILE B 112 4.04 -5.00 5.31
N TRP B 113 4.88 -4.17 5.92
CA TRP B 113 4.40 -3.10 6.79
C TRP B 113 4.31 -1.72 6.14
N ASP B 114 4.70 -1.61 4.87
CA ASP B 114 4.80 -0.31 4.22
C ASP B 114 3.47 0.22 3.68
N ILE B 115 2.41 -0.56 3.82
CA ILE B 115 1.09 -0.09 3.45
C ILE B 115 0.55 0.89 4.50
N TYR B 116 0.81 0.56 5.76
CA TYR B 116 0.26 1.31 6.88
C TYR B 116 1.01 2.62 7.12
N GLY B 117 2.27 2.66 6.70
CA GLY B 117 3.07 3.86 6.77
C GLY B 117 2.94 4.69 5.50
N SER B 118 2.01 4.27 4.64
CA SER B 118 1.76 4.95 3.38
C SER B 118 0.76 6.08 3.61
N SER B 119 1.07 7.25 3.07
CA SER B 119 0.30 8.46 3.33
C SER B 119 -1.20 8.32 3.12
N LYS B 120 -1.59 7.50 2.15
CA LYS B 120 -3.01 7.29 1.88
C LYS B 120 -3.69 6.67 3.08
N PHE B 121 -2.92 5.86 3.81
CA PHE B 121 -3.44 5.15 4.97
C PHE B 121 -3.50 6.03 6.23
N LEU B 122 -2.44 6.80 6.46
CA LEU B 122 -2.34 7.63 7.65
C LEU B 122 -3.34 8.79 7.66
N ASN B 123 -3.63 9.32 6.48
CA ASN B 123 -4.56 10.45 6.38
C ASN B 123 -6.00 9.98 6.37
N ARG B 124 -6.19 8.69 6.09
CA ARG B 124 -7.52 8.09 6.11
C ARG B 124 -8.01 7.94 7.54
N ASN B 125 -7.09 7.53 8.42
CA ASN B 125 -7.42 7.16 9.78
C ASN B 125 -7.19 8.27 10.81
N GLY B 126 -6.77 9.44 10.34
CA GLY B 126 -6.58 10.58 11.24
C GLY B 126 -5.14 10.82 11.66
N PHE B 127 -4.22 10.15 10.98
CA PHE B 127 -2.80 10.22 11.30
C PHE B 127 -2.10 11.29 10.47
N HIS B 128 -2.91 12.13 9.82
CA HIS B 128 -2.44 13.09 8.84
C HIS B 128 -1.24 13.92 9.30
N LYS B 129 -1.06 14.02 10.60
CA LYS B 129 0.08 14.76 11.14
C LYS B 129 1.34 13.87 11.24
N ARG B 130 1.16 12.57 11.07
CA ARG B 130 2.28 11.64 11.15
C ARG B 130 2.84 11.39 9.76
N HIS B 131 4.17 11.26 9.67
CA HIS B 131 4.83 11.21 8.37
C HIS B 131 5.02 9.81 7.82
N THR B 132 5.66 9.73 6.67
CA THR B 132 5.86 8.47 5.96
C THR B 132 6.61 7.45 6.80
N GLY B 133 6.04 6.27 6.90
CA GLY B 133 6.65 5.18 7.63
C GLY B 133 6.25 5.14 9.10
N ASP B 134 5.59 6.19 9.57
CA ASP B 134 5.24 6.25 10.97
C ASP B 134 4.05 5.33 11.20
N LEU B 135 4.26 4.30 11.99
CA LEU B 135 3.24 3.30 12.26
C LEU B 135 2.51 3.67 13.54
N GLY B 136 3.28 3.70 14.63
CA GLY B 136 2.77 4.11 15.93
C GLY B 136 3.60 3.34 16.91
N PRO B 137 3.39 3.57 18.21
CA PRO B 137 4.09 2.62 19.09
C PRO B 137 3.53 1.24 18.81
N ILE B 138 4.40 0.30 18.50
CA ILE B 138 3.97 -1.06 18.15
C ILE B 138 4.95 -1.99 18.81
N TYR B 139 4.88 -3.27 18.46
CA TYR B 139 5.57 -4.33 19.19
C TYR B 139 6.98 -3.91 19.56
N GLY B 140 7.82 -3.67 18.55
CA GLY B 140 9.19 -3.23 18.78
C GLY B 140 9.32 -2.08 19.77
N PHE B 141 8.38 -1.14 19.74
CA PHE B 141 8.39 -0.06 20.71
C PHE B 141 7.97 -0.55 22.10
N GLN B 142 6.82 -1.22 22.16
CA GLN B 142 6.30 -1.73 23.41
C GLN B 142 7.28 -2.72 24.04
N TRP B 143 8.01 -3.44 23.20
CA TRP B 143 9.01 -4.37 23.70
C TRP B 143 10.12 -3.62 24.43
N ARG B 144 10.75 -2.69 23.73
CA ARG B 144 11.94 -2.02 24.24
C ARG B 144 11.57 -0.92 25.22
N HIS B 145 10.52 -0.18 24.92
CA HIS B 145 10.07 0.88 25.81
C HIS B 145 8.59 0.77 26.10
N PHE B 146 8.27 0.40 27.34
CA PHE B 146 6.87 0.33 27.74
C PHE B 146 6.60 1.50 28.67
N GLY B 147 5.55 2.25 28.37
CA GLY B 147 5.24 3.43 29.13
C GLY B 147 6.21 4.54 28.81
N ALA B 148 6.73 4.51 27.59
CA ALA B 148 7.47 5.64 27.07
C ALA B 148 6.45 6.56 26.40
N GLU B 149 6.91 7.70 25.91
CA GLU B 149 5.99 8.63 25.28
C GLU B 149 6.39 8.84 23.82
N TYR B 150 5.55 8.34 22.93
CA TYR B 150 5.91 8.24 21.51
C TYR B 150 5.99 9.61 20.86
N LYS B 151 7.04 9.81 20.07
CA LYS B 151 7.27 11.07 19.37
C LYS B 151 7.44 10.83 17.88
N SER B 155 11.42 9.72 18.10
CA SER B 155 12.81 10.12 18.23
C SER B 155 13.65 9.02 18.86
N ASN B 156 14.61 9.44 19.68
CA ASN B 156 15.52 8.50 20.35
C ASN B 156 14.98 8.16 21.74
N TYR B 157 14.49 6.94 21.88
CA TYR B 157 13.80 6.50 23.09
C TYR B 157 14.71 5.71 24.04
N LEU B 158 15.99 5.64 23.71
CA LEU B 158 16.92 4.83 24.50
C LEU B 158 16.85 5.22 25.97
N GLN B 159 16.71 4.20 26.81
CA GLN B 159 16.60 4.33 28.26
C GLN B 159 15.19 4.69 28.71
N GLN B 160 14.30 4.93 27.74
CA GLN B 160 12.94 5.32 28.07
C GLN B 160 11.99 4.13 28.07
N GLY B 161 11.03 4.14 28.99
CA GLY B 161 10.08 3.05 29.11
C GLY B 161 10.76 1.82 29.69
N ILE B 162 10.02 0.71 29.72
CA ILE B 162 10.55 -0.54 30.23
C ILE B 162 11.00 -1.44 29.09
N ASP B 163 12.11 -2.15 29.29
CA ASP B 163 12.56 -3.09 28.28
C ASP B 163 12.01 -4.46 28.61
N GLN B 164 11.07 -4.91 27.79
CA GLN B 164 10.42 -6.20 28.00
C GLN B 164 11.32 -7.31 27.48
N LEU B 165 12.07 -7.02 26.44
CA LEU B 165 12.93 -8.03 25.84
C LEU B 165 14.20 -8.25 26.67
N GLN B 166 14.85 -7.17 27.07
CA GLN B 166 16.10 -7.28 27.79
C GLN B 166 15.87 -7.69 29.23
N THR B 167 14.64 -7.54 29.72
CA THR B 167 14.32 -7.93 31.09
C THR B 167 14.13 -9.44 31.16
N VAL B 168 13.63 -10.03 30.07
CA VAL B 168 13.41 -11.47 30.01
C VAL B 168 14.74 -12.22 29.89
N ILE B 169 15.64 -11.70 29.05
CA ILE B 169 16.93 -12.35 28.85
C ILE B 169 17.81 -12.21 30.08
N ASP B 170 17.69 -11.08 30.76
CA ASP B 170 18.40 -10.87 32.01
C ASP B 170 17.87 -11.80 33.10
N THR B 171 16.57 -12.05 33.07
CA THR B 171 15.92 -12.86 34.08
C THR B 171 16.18 -14.34 33.86
N ILE B 172 16.25 -14.75 32.59
CA ILE B 172 16.54 -16.14 32.26
C ILE B 172 17.92 -16.51 32.76
N LYS B 173 18.82 -15.54 32.74
CA LYS B 173 20.16 -15.72 33.29
C LYS B 173 20.09 -15.84 34.81
N THR B 174 19.40 -14.90 35.44
CA THR B 174 19.30 -14.82 36.90
C THR B 174 18.37 -15.87 37.51
N ASN B 175 17.16 -15.98 36.98
CA ASN B 175 16.17 -16.90 37.54
C ASN B 175 15.39 -17.61 36.45
N PRO B 176 15.98 -18.67 35.88
CA PRO B 176 15.41 -19.47 34.79
C PRO B 176 14.07 -20.09 35.17
N GLU B 177 13.85 -20.29 36.47
CA GLU B 177 12.53 -20.70 36.89
C GLU B 177 11.82 -19.47 37.40
N SER B 178 10.92 -18.95 36.57
CA SER B 178 10.08 -17.83 36.92
C SER B 178 8.84 -17.94 36.07
N ARG B 179 7.70 -17.60 36.65
CA ARG B 179 6.46 -17.60 35.90
C ARG B 179 6.14 -16.17 35.47
N ARG B 180 7.06 -15.27 35.84
CA ARG B 180 6.89 -13.84 35.65
C ARG B 180 7.54 -13.29 34.39
N MET B 181 8.08 -14.17 33.54
CA MET B 181 8.78 -13.69 32.36
C MET B 181 7.80 -13.55 31.20
N ILE B 182 7.51 -12.31 30.84
CA ILE B 182 6.49 -12.04 29.84
C ILE B 182 6.80 -10.75 29.08
N ILE B 183 6.46 -10.75 27.79
CA ILE B 183 6.50 -9.53 26.99
C ILE B 183 5.12 -9.26 26.43
N SER B 184 4.51 -8.15 26.85
CA SER B 184 3.15 -7.83 26.43
C SER B 184 3.12 -6.55 25.62
N SER B 185 2.47 -6.61 24.46
CA SER B 185 2.39 -5.47 23.55
C SER B 185 1.16 -4.62 23.79
N TRP B 186 0.26 -5.10 24.65
CA TRP B 186 -1.00 -4.40 24.85
C TRP B 186 -0.81 -3.22 25.79
N ASN B 187 -1.11 -2.04 25.27
CA ASN B 187 -1.00 -0.80 26.03
C ASN B 187 -2.15 0.12 25.66
N PRO B 188 -3.35 -0.13 26.22
CA PRO B 188 -4.62 0.50 25.82
C PRO B 188 -4.47 2.01 25.73
N LYS B 189 -3.58 2.57 26.54
CA LYS B 189 -3.24 3.98 26.44
C LYS B 189 -2.63 4.27 25.08
N ASP B 190 -1.72 3.40 24.66
CA ASP B 190 -1.01 3.58 23.40
C ASP B 190 -1.69 2.88 22.22
N ILE B 191 -2.71 2.08 22.51
CA ILE B 191 -3.44 1.34 21.48
C ILE B 191 -3.95 2.24 20.35
N PRO B 192 -4.57 3.39 20.70
CA PRO B 192 -5.07 4.32 19.69
C PRO B 192 -3.97 4.96 18.86
N LEU B 193 -2.76 5.05 19.40
CA LEU B 193 -1.63 5.58 18.66
C LEU B 193 -1.21 4.61 17.56
N MET B 194 -1.35 3.32 17.85
CA MET B 194 -0.98 2.25 16.92
C MET B 194 -1.80 2.32 15.64
N VAL B 195 -1.12 2.22 14.50
CA VAL B 195 -1.78 2.27 13.22
C VAL B 195 -2.71 1.07 13.10
N LEU B 196 -2.26 -0.05 13.66
CA LEU B 196 -3.12 -1.20 13.85
C LEU B 196 -2.81 -1.82 15.22
N PRO B 197 -3.84 -2.26 15.95
CA PRO B 197 -3.61 -2.89 17.26
C PRO B 197 -2.81 -4.19 17.13
N PRO B 198 -1.99 -4.52 18.12
CA PRO B 198 -1.15 -5.71 17.99
C PRO B 198 -1.98 -6.99 17.89
N CYS B 199 -1.72 -7.80 16.87
CA CYS B 199 -2.48 -9.02 16.68
C CYS B 199 -1.96 -10.12 17.59
N HIS B 200 -0.65 -10.22 17.71
CA HIS B 200 -0.09 -11.03 18.77
C HIS B 200 0.21 -10.08 19.92
N THR B 201 -0.61 -10.18 20.97
CA THR B 201 -0.62 -9.18 22.04
C THR B 201 0.40 -9.45 23.15
N LEU B 202 0.93 -10.66 23.22
CA LEU B 202 1.98 -10.96 24.20
C LEU B 202 2.39 -12.43 24.17
N CYS B 203 3.55 -12.69 24.75
CA CYS B 203 4.11 -14.02 24.81
C CYS B 203 4.60 -14.29 26.22
N GLN B 204 4.93 -15.54 26.50
CA GLN B 204 5.52 -15.90 27.78
C GLN B 204 6.66 -16.88 27.56
N PHE B 205 7.68 -16.77 28.40
CA PHE B 205 8.80 -17.69 28.33
C PHE B 205 8.86 -18.61 29.55
N TYR B 206 9.34 -19.83 29.32
CA TYR B 206 9.36 -20.89 30.32
C TYR B 206 10.66 -21.64 30.18
N VAL B 207 11.30 -21.98 31.30
CA VAL B 207 12.61 -22.62 31.24
C VAL B 207 12.69 -23.85 32.14
N ALA B 208 12.95 -25.00 31.55
CA ALA B 208 13.16 -26.25 32.28
C ALA B 208 14.06 -27.18 31.49
N ASN B 209 14.84 -27.99 32.20
CA ASN B 209 15.73 -28.95 31.56
C ASN B 209 16.79 -28.25 30.69
N GLY B 210 17.14 -27.03 31.04
CA GLY B 210 18.02 -26.24 30.19
C GLY B 210 17.37 -25.94 28.84
N GLU B 211 16.06 -26.18 28.77
CA GLU B 211 15.29 -25.90 27.57
C GLU B 211 14.44 -24.65 27.74
N LEU B 212 14.56 -23.75 26.79
CA LEU B 212 13.75 -22.54 26.77
C LEU B 212 12.53 -22.74 25.86
N SER B 213 11.34 -22.48 26.40
CA SER B 213 10.12 -22.58 25.61
C SER B 213 9.44 -21.21 25.52
N CYS B 214 8.36 -21.14 24.75
CA CYS B 214 7.62 -19.90 24.61
C CYS B 214 6.16 -20.18 24.29
N GLN B 215 5.26 -19.39 24.84
CA GLN B 215 3.85 -19.49 24.47
C GLN B 215 3.29 -18.10 24.16
N VAL B 216 2.85 -17.91 22.92
CA VAL B 216 2.32 -16.63 22.50
C VAL B 216 0.81 -16.67 22.47
N TYR B 217 0.18 -15.66 23.06
CA TYR B 217 -1.26 -15.52 22.97
C TYR B 217 -1.58 -14.55 21.83
N GLN B 218 -2.21 -15.07 20.79
CA GLN B 218 -2.63 -14.24 19.68
C GLN B 218 -4.15 -14.05 19.75
N ARG B 219 -4.58 -12.79 19.86
CA ARG B 219 -5.99 -12.47 19.99
C ARG B 219 -6.73 -12.78 18.70
N SER B 220 -6.12 -12.41 17.59
CA SER B 220 -6.69 -12.68 16.28
C SER B 220 -5.63 -13.14 15.31
N GLY B 221 -5.96 -14.12 14.48
CA GLY B 221 -5.05 -14.53 13.42
C GLY B 221 -5.77 -15.13 12.23
N ASP B 222 -5.14 -14.99 11.07
CA ASP B 222 -5.71 -15.44 9.82
C ASP B 222 -4.95 -16.69 9.39
N MET B 223 -5.67 -17.81 9.34
CA MET B 223 -5.04 -19.08 9.06
C MET B 223 -4.35 -19.08 7.70
N GLY B 224 -4.83 -18.26 6.79
CA GLY B 224 -4.33 -18.26 5.41
C GLY B 224 -3.16 -17.34 5.10
N LEU B 225 -2.87 -16.38 5.98
CA LEU B 225 -1.82 -15.41 5.68
C LEU B 225 -0.81 -15.21 6.82
N GLY B 226 -1.30 -14.67 7.93
CA GLY B 226 -0.42 -14.24 9.01
C GLY B 226 -0.19 -15.21 10.15
N VAL B 227 -1.07 -16.20 10.31
CA VAL B 227 -0.93 -17.16 11.40
C VAL B 227 0.38 -17.94 11.34
N PRO B 228 0.66 -18.56 10.18
CA PRO B 228 1.93 -19.25 10.01
C PRO B 228 3.13 -18.32 10.10
N PHE B 229 2.90 -17.04 9.81
CA PHE B 229 3.99 -16.06 9.79
C PHE B 229 4.56 -15.76 11.17
N ASN B 230 3.68 -15.62 12.16
CA ASN B 230 4.09 -15.37 13.54
C ASN B 230 4.79 -16.57 14.16
N ILE B 231 4.30 -17.75 13.82
CA ILE B 231 4.87 -19.00 14.27
C ILE B 231 6.36 -19.06 13.97
N ALA B 232 6.74 -18.45 12.86
CA ALA B 232 8.14 -18.36 12.47
C ALA B 232 8.87 -17.29 13.30
N GLY B 233 8.20 -16.15 13.48
CA GLY B 233 8.80 -15.03 14.19
C GLY B 233 9.08 -15.33 15.65
N TYR B 234 8.14 -16.01 16.31
CA TYR B 234 8.31 -16.34 17.72
C TYR B 234 9.20 -17.57 17.92
N ALA B 235 9.09 -18.53 17.01
CA ALA B 235 9.97 -19.69 17.05
C ALA B 235 11.41 -19.27 16.78
N LEU B 236 11.57 -18.17 16.05
CA LEU B 236 12.90 -17.62 15.78
C LEU B 236 13.42 -16.87 16.99
N LEU B 237 12.53 -16.13 17.64
CA LEU B 237 12.87 -15.38 18.84
C LEU B 237 13.32 -16.33 19.94
N THR B 238 12.60 -17.44 20.07
CA THR B 238 12.96 -18.51 21.00
C THR B 238 14.31 -19.09 20.62
N TYR B 239 14.55 -19.23 19.31
CA TYR B 239 15.82 -19.73 18.81
C TYR B 239 16.91 -18.73 19.12
N ILE B 240 16.55 -17.44 19.01
CA ILE B 240 17.45 -16.35 19.33
C ILE B 240 17.76 -16.25 20.83
N VAL B 241 16.69 -16.15 21.62
CA VAL B 241 16.82 -16.01 23.06
C VAL B 241 17.56 -17.19 23.69
N ALA B 242 17.32 -18.38 23.16
CA ALA B 242 18.00 -19.57 23.63
C ALA B 242 19.47 -19.51 23.27
N HIS B 243 19.77 -18.79 22.18
CA HIS B 243 21.12 -18.61 21.70
C HIS B 243 21.88 -17.64 22.60
N VAL B 244 21.22 -16.55 22.97
CA VAL B 244 21.80 -15.52 23.80
C VAL B 244 22.00 -16.02 25.23
N THR B 245 21.03 -16.80 25.70
CA THR B 245 21.02 -17.27 27.09
C THR B 245 21.83 -18.55 27.28
N GLY B 246 22.21 -19.17 26.17
CA GLY B 246 22.99 -20.39 26.21
C GLY B 246 22.12 -21.62 26.40
N LEU B 247 20.86 -21.51 26.00
CA LEU B 247 19.92 -22.60 26.22
C LEU B 247 19.61 -23.39 24.95
N LYS B 248 18.78 -24.40 25.10
CA LYS B 248 18.21 -25.14 23.99
C LYS B 248 16.79 -24.65 23.72
N THR B 249 16.10 -25.27 22.77
CA THR B 249 14.71 -24.90 22.46
C THR B 249 13.74 -26.06 22.65
N GLY B 250 12.93 -26.00 23.69
CA GLY B 250 11.92 -27.02 23.90
C GLY B 250 10.75 -27.02 22.93
N ASP B 251 10.01 -25.92 22.93
CA ASP B 251 8.73 -25.88 22.22
C ASP B 251 8.29 -24.46 21.93
N LEU B 252 7.36 -24.33 21.01
CA LEU B 252 6.64 -23.07 20.86
C LEU B 252 5.16 -23.38 20.90
N ILE B 253 4.49 -22.94 21.95
CA ILE B 253 3.07 -23.17 22.09
C ILE B 253 2.32 -22.00 21.50
N HIS B 254 1.54 -22.25 20.46
CA HIS B 254 0.81 -21.20 19.79
C HIS B 254 -0.64 -21.21 20.22
N THR B 255 -1.02 -20.23 21.04
CA THR B 255 -2.39 -20.11 21.52
C THR B 255 -3.09 -19.03 20.73
N MET B 256 -4.23 -19.37 20.14
CA MET B 256 -4.94 -18.39 19.36
C MET B 256 -6.21 -17.91 20.03
N GLY B 257 -6.50 -16.63 19.77
CA GLY B 257 -7.73 -15.99 20.15
C GLY B 257 -8.64 -16.36 19.01
N ASP B 258 -9.48 -15.44 18.55
CA ASP B 258 -10.28 -15.75 17.38
C ASP B 258 -9.35 -16.25 16.28
N ALA B 259 -9.65 -17.45 15.80
CA ALA B 259 -8.88 -18.08 14.75
C ALA B 259 -9.79 -18.20 13.55
N HIS B 260 -9.52 -17.39 12.53
CA HIS B 260 -10.51 -17.19 11.49
C HIS B 260 -9.98 -17.37 10.09
N ILE B 261 -10.88 -17.79 9.20
CA ILE B 261 -10.60 -17.86 7.77
C ILE B 261 -11.59 -16.98 7.04
N TYR B 262 -11.10 -15.93 6.39
CA TYR B 262 -11.98 -15.10 5.58
C TYR B 262 -12.66 -15.98 4.55
N LEU B 263 -13.91 -15.67 4.24
CA LEU B 263 -14.72 -16.52 3.38
C LEU B 263 -14.11 -16.71 2.00
N ASN B 264 -13.18 -15.84 1.63
CA ASN B 264 -12.58 -15.88 0.30
C ASN B 264 -11.28 -16.70 0.23
N HIS B 265 -10.76 -17.14 1.37
CA HIS B 265 -9.58 -18.00 1.38
C HIS B 265 -9.97 -19.46 1.30
N ILE B 266 -11.25 -19.73 1.48
CA ILE B 266 -11.76 -21.09 1.64
C ILE B 266 -11.41 -22.04 0.50
N ASP B 267 -11.94 -21.74 -0.69
CA ASP B 267 -11.75 -22.58 -1.87
C ASP B 267 -10.27 -22.79 -2.16
N ALA B 268 -9.50 -21.73 -1.98
CA ALA B 268 -8.05 -21.78 -2.19
C ALA B 268 -7.35 -22.53 -1.06
N LEU B 269 -8.00 -22.55 0.10
CA LEU B 269 -7.43 -23.18 1.28
C LEU B 269 -7.49 -24.70 1.21
N LYS B 270 -8.67 -25.23 0.88
CA LYS B 270 -8.92 -26.67 0.98
C LYS B 270 -8.04 -27.50 0.05
N VAL B 271 -7.41 -26.86 -0.91
CA VAL B 271 -6.49 -27.55 -1.80
C VAL B 271 -5.11 -27.58 -1.15
N GLN B 272 -4.96 -26.82 -0.07
CA GLN B 272 -3.77 -26.84 0.76
C GLN B 272 -3.95 -27.89 1.85
N LEU B 273 -5.18 -28.39 1.97
CA LEU B 273 -5.51 -29.44 2.92
C LEU B 273 -4.98 -30.82 2.51
N ALA B 274 -5.27 -31.19 1.27
CA ALA B 274 -4.85 -32.49 0.74
C ALA B 274 -3.33 -32.57 0.68
N ARG B 275 -2.68 -31.41 0.64
CA ARG B 275 -1.22 -31.36 0.61
C ARG B 275 -0.68 -31.72 1.99
N SER B 276 0.18 -32.73 2.03
CA SER B 276 0.76 -33.22 3.28
C SER B 276 2.05 -32.48 3.61
N PRO B 277 2.10 -31.83 4.79
CA PRO B 277 3.27 -31.07 5.21
C PRO B 277 4.53 -31.93 5.26
N LYS B 278 5.66 -31.33 4.92
CA LYS B 278 6.93 -32.07 4.86
C LYS B 278 7.72 -31.86 6.14
N PRO B 279 8.89 -32.51 6.26
CA PRO B 279 9.78 -32.32 7.42
C PRO B 279 10.18 -30.87 7.57
N PHE B 280 10.27 -30.39 8.81
CA PHE B 280 10.62 -29.00 9.06
C PHE B 280 12.09 -28.77 8.76
N PRO B 281 12.45 -27.55 8.32
CA PRO B 281 13.83 -27.20 7.99
C PRO B 281 14.72 -27.20 9.21
N CYS B 282 16.00 -26.90 9.02
CA CYS B 282 16.93 -26.80 10.11
C CYS B 282 17.42 -25.37 10.25
N LEU B 283 16.98 -24.69 11.30
CA LEU B 283 17.51 -23.37 11.59
C LEU B 283 18.78 -23.51 12.40
N LYS B 284 19.78 -22.71 12.06
CA LYS B 284 21.01 -22.71 12.82
C LYS B 284 21.66 -21.34 12.74
N ILE B 285 22.54 -21.08 13.70
CA ILE B 285 23.24 -19.81 13.77
C ILE B 285 24.74 -20.06 13.72
N ILE B 286 25.37 -19.56 12.66
CA ILE B 286 26.79 -19.81 12.42
C ILE B 286 27.67 -18.86 13.21
N ARG B 287 27.06 -17.85 13.81
CA ARG B 287 27.80 -16.89 14.61
C ARG B 287 27.33 -16.96 16.06
N ASN B 288 28.29 -17.01 16.99
CA ASN B 288 27.95 -16.93 18.41
C ASN B 288 27.71 -15.48 18.78
N VAL B 289 26.48 -15.18 19.21
CA VAL B 289 26.07 -13.79 19.40
C VAL B 289 25.71 -13.51 20.85
N THR B 290 26.52 -12.67 21.51
CA THR B 290 26.34 -12.38 22.92
C THR B 290 25.29 -11.31 23.14
N ASP B 291 24.95 -10.58 22.09
CA ASP B 291 23.98 -9.50 22.20
C ASP B 291 22.83 -9.68 21.20
N ILE B 292 21.62 -9.39 21.63
CA ILE B 292 20.46 -9.61 20.79
C ILE B 292 20.29 -8.48 19.78
N ASN B 293 20.94 -7.35 20.04
CA ASN B 293 20.91 -6.23 19.11
C ASN B 293 21.99 -6.41 18.04
N ASP B 294 22.88 -7.38 18.26
CA ASP B 294 23.99 -7.64 17.36
C ASP B 294 23.59 -8.62 16.26
N PHE B 295 22.38 -9.16 16.37
CA PHE B 295 21.90 -10.17 15.41
C PHE B 295 21.68 -9.58 14.02
N LYS B 296 22.09 -10.33 13.01
CA LYS B 296 21.99 -9.90 11.62
C LYS B 296 21.36 -10.98 10.75
N TRP B 297 20.77 -10.56 9.63
CA TRP B 297 20.10 -11.48 8.72
C TRP B 297 21.05 -12.55 8.21
N ASP B 298 22.35 -12.27 8.27
CA ASP B 298 23.35 -13.15 7.69
C ASP B 298 23.83 -14.23 8.66
N ASP B 299 23.22 -14.32 9.84
CA ASP B 299 23.65 -15.23 10.88
C ASP B 299 22.92 -16.58 10.87
N PHE B 300 22.01 -16.77 9.92
CA PHE B 300 21.23 -18.00 9.87
C PHE B 300 21.41 -18.76 8.55
N GLN B 301 21.19 -20.07 8.58
CA GLN B 301 21.04 -20.82 7.33
C GLN B 301 20.00 -21.93 7.47
N LEU B 302 19.08 -21.99 6.51
CA LEU B 302 18.00 -22.96 6.54
C LEU B 302 18.32 -24.20 5.73
N ASP B 303 18.42 -25.34 6.40
CA ASP B 303 18.68 -26.60 5.72
C ASP B 303 17.42 -27.44 5.65
N GLY B 304 16.93 -27.68 4.44
CA GLY B 304 15.83 -28.61 4.24
C GLY B 304 14.44 -28.04 4.05
N TYR B 305 14.33 -26.74 3.75
CA TYR B 305 13.03 -26.14 3.52
C TYR B 305 12.63 -26.13 2.05
N ASN B 306 11.58 -26.88 1.72
CA ASN B 306 11.08 -26.98 0.36
C ASN B 306 9.55 -27.09 0.31
N PRO B 307 8.84 -25.96 0.48
CA PRO B 307 7.38 -26.00 0.53
C PRO B 307 6.75 -26.42 -0.79
N HIS B 308 5.42 -26.56 -0.79
CA HIS B 308 4.70 -26.92 -2.00
C HIS B 308 4.54 -25.73 -2.92
N PRO B 309 4.42 -25.98 -4.24
CA PRO B 309 4.17 -24.89 -5.19
C PRO B 309 2.79 -24.31 -4.96
N PRO B 310 2.53 -23.09 -5.48
CA PRO B 310 1.19 -22.51 -5.37
C PRO B 310 0.16 -23.39 -6.06
N LEU B 311 -1.05 -23.44 -5.53
CA LEU B 311 -2.10 -24.30 -6.06
C LEU B 311 -1.71 -25.77 -5.93
N THR C 32 7.95 36.87 -23.19
CA THR C 32 8.56 35.68 -22.63
C THR C 32 7.98 35.37 -21.24
N GLY C 33 7.24 36.33 -20.70
CA GLY C 33 6.66 36.19 -19.38
C GLY C 33 5.22 35.73 -19.47
N GLU C 34 4.41 36.19 -18.52
CA GLU C 34 2.98 35.90 -18.55
C GLU C 34 2.36 36.36 -19.86
N LEU C 35 3.05 37.25 -20.55
CA LEU C 35 2.64 37.73 -21.86
C LEU C 35 2.59 36.59 -22.88
N GLN C 36 3.32 35.52 -22.61
CA GLN C 36 3.20 34.29 -23.40
C GLN C 36 1.77 33.79 -23.33
N TYR C 37 1.20 33.88 -22.14
CA TYR C 37 -0.16 33.43 -21.87
C TYR C 37 -1.19 34.42 -22.41
N LEU C 38 -0.93 35.70 -22.18
CA LEU C 38 -1.85 36.76 -22.60
C LEU C 38 -1.93 36.78 -24.12
N LYS C 39 -0.82 36.44 -24.76
CA LYS C 39 -0.74 36.39 -26.21
C LYS C 39 -1.55 35.23 -26.77
N GLN C 40 -1.44 34.07 -26.14
CA GLN C 40 -2.26 32.93 -26.50
C GLN C 40 -3.72 33.33 -26.39
N VAL C 41 -4.06 33.91 -25.24
CA VAL C 41 -5.41 34.40 -24.97
C VAL C 41 -5.81 35.46 -25.99
N ASP C 42 -4.87 36.34 -26.32
CA ASP C 42 -5.11 37.36 -27.34
C ASP C 42 -5.29 36.72 -28.72
N ASP C 43 -4.50 35.69 -28.99
CA ASP C 43 -4.56 35.02 -30.28
C ASP C 43 -5.85 34.21 -30.45
N ILE C 44 -6.35 33.67 -29.36
CA ILE C 44 -7.54 32.85 -29.39
C ILE C 44 -8.76 33.70 -29.77
N LEU C 45 -8.73 34.96 -29.39
CA LEU C 45 -9.87 35.84 -29.62
C LEU C 45 -10.07 36.17 -31.10
N ARG C 46 -9.02 36.69 -31.74
CA ARG C 46 -9.14 37.09 -33.14
C ARG C 46 -9.08 35.92 -34.10
N TYR C 47 -8.07 35.06 -33.94
CA TYR C 47 -7.85 33.99 -34.90
C TYR C 47 -8.53 32.68 -34.50
N GLY C 48 -9.11 32.67 -33.31
CA GLY C 48 -9.72 31.45 -32.79
C GLY C 48 -10.94 31.08 -33.60
N VAL C 49 -11.14 29.78 -33.78
CA VAL C 49 -12.28 29.29 -34.54
C VAL C 49 -13.46 29.00 -33.62
N ARG C 50 -14.66 29.29 -34.09
CA ARG C 50 -15.85 28.98 -33.31
C ARG C 50 -15.91 27.49 -33.04
N LYS C 51 -16.06 27.13 -31.78
CA LYS C 51 -16.15 25.73 -31.38
C LYS C 51 -17.17 25.60 -30.26
N ARG C 52 -17.87 24.47 -30.26
CA ARG C 52 -18.87 24.22 -29.23
C ARG C 52 -18.20 23.49 -28.08
N ASP C 53 -18.52 23.87 -26.86
CA ASP C 53 -18.00 23.15 -25.71
C ASP C 53 -18.80 21.87 -25.49
N ARG C 54 -18.15 20.89 -24.87
CA ARG C 54 -18.76 19.59 -24.63
C ARG C 54 -20.09 19.71 -23.91
N THR C 55 -20.25 20.77 -23.13
CA THR C 55 -21.47 20.98 -22.36
C THR C 55 -22.52 21.72 -23.18
N GLY C 56 -22.11 22.31 -24.30
CA GLY C 56 -23.06 23.03 -25.14
C GLY C 56 -22.92 24.54 -25.10
N ILE C 57 -21.84 25.02 -24.48
CA ILE C 57 -21.53 26.45 -24.56
C ILE C 57 -20.53 26.71 -25.68
N GLY C 58 -20.70 27.81 -26.40
CA GLY C 58 -19.82 28.14 -27.50
C GLY C 58 -18.43 28.49 -27.01
N THR C 59 -17.42 28.09 -27.76
CA THR C 59 -16.04 28.37 -27.37
C THR C 59 -15.23 28.88 -28.55
N LEU C 60 -14.10 29.52 -28.24
CA LEU C 60 -13.16 29.94 -29.28
C LEU C 60 -11.91 29.10 -29.15
N SER C 61 -11.60 28.33 -30.18
CA SER C 61 -10.58 27.29 -30.06
C SER C 61 -9.38 27.46 -30.98
N LEU C 62 -8.19 27.18 -30.44
CA LEU C 62 -6.96 27.10 -31.22
C LEU C 62 -6.20 25.84 -30.85
N PHE C 63 -5.85 25.06 -31.86
CA PHE C 63 -5.18 23.79 -31.63
C PHE C 63 -3.69 23.91 -31.90
N GLY C 64 -2.88 23.16 -31.16
CA GLY C 64 -1.45 23.22 -31.29
C GLY C 64 -0.75 24.49 -30.80
N MET C 65 -0.91 24.79 -29.51
CA MET C 65 -0.14 25.86 -28.88
C MET C 65 1.01 25.32 -28.04
N GLN C 66 1.75 26.21 -27.40
CA GLN C 66 2.83 25.82 -26.49
C GLN C 66 3.51 27.05 -25.88
N ALA C 67 4.18 26.85 -24.75
CA ALA C 67 4.82 27.95 -24.03
C ALA C 67 6.02 27.48 -23.22
N ARG C 68 6.87 28.42 -22.84
CA ARG C 68 8.05 28.12 -22.03
C ARG C 68 8.23 29.13 -20.89
N TYR C 69 8.17 28.66 -19.65
CA TYR C 69 8.32 29.54 -18.50
C TYR C 69 9.56 29.16 -17.69
N ASN C 70 10.15 30.13 -17.03
CA ASN C 70 11.38 29.92 -16.29
C ASN C 70 11.13 29.55 -14.83
N LEU C 71 11.64 28.39 -14.42
CA LEU C 71 11.49 27.92 -13.06
C LEU C 71 12.69 28.33 -12.21
N ARG C 72 13.59 29.11 -12.81
CA ARG C 72 14.75 29.59 -12.08
C ARG C 72 14.41 30.83 -11.27
N ASN C 73 14.61 30.73 -9.95
CA ASN C 73 14.50 31.88 -9.06
C ASN C 73 13.20 32.68 -9.21
N GLU C 74 12.11 31.97 -9.45
CA GLU C 74 10.80 32.59 -9.54
C GLU C 74 9.75 31.50 -9.78
N PHE C 75 8.50 31.82 -9.46
CA PHE C 75 7.43 30.83 -9.63
C PHE C 75 6.39 31.28 -10.63
N PRO C 76 6.19 30.47 -11.69
CA PRO C 76 5.25 30.83 -12.75
C PRO C 76 3.80 30.84 -12.27
N LEU C 77 3.53 31.66 -11.26
CA LEU C 77 2.17 31.87 -10.80
C LEU C 77 1.68 33.20 -11.38
N LEU C 78 0.50 33.17 -12.00
CA LEU C 78 0.02 34.32 -12.77
C LEU C 78 -0.47 35.47 -11.90
N THR C 79 0.12 36.65 -12.12
CA THR C 79 -0.15 37.81 -11.30
C THR C 79 -1.19 38.73 -11.89
N THR C 80 -1.67 38.41 -13.08
CA THR C 80 -2.70 39.24 -13.71
C THR C 80 -4.07 38.91 -13.13
N LYS C 81 -4.23 37.68 -12.66
CA LYS C 81 -5.43 37.28 -11.95
C LYS C 81 -5.07 36.35 -10.81
N ARG C 82 -5.61 36.62 -9.64
CA ARG C 82 -5.30 35.84 -8.46
C ARG C 82 -5.63 34.37 -8.67
N VAL C 83 -4.70 33.51 -8.26
CA VAL C 83 -4.81 32.08 -8.47
C VAL C 83 -4.95 31.38 -7.13
N PHE C 84 -5.51 30.18 -7.14
CA PHE C 84 -5.66 29.48 -5.88
C PHE C 84 -4.40 28.65 -5.66
N TRP C 85 -3.56 29.10 -4.74
CA TRP C 85 -2.26 28.49 -4.50
C TRP C 85 -2.40 27.28 -3.59
N ARG C 86 -3.24 27.40 -2.57
CA ARG C 86 -3.40 26.32 -1.60
C ARG C 86 -4.13 25.15 -2.26
N ALA C 87 -4.90 25.45 -3.30
CA ALA C 87 -5.59 24.42 -4.08
C ALA C 87 -4.67 23.80 -5.12
N VAL C 88 -3.59 24.52 -5.44
CA VAL C 88 -2.58 24.03 -6.36
C VAL C 88 -1.64 23.05 -5.66
N VAL C 89 -1.35 23.31 -4.40
CA VAL C 89 -0.47 22.44 -3.62
C VAL C 89 -1.18 21.18 -3.18
N GLU C 90 -2.40 21.34 -2.66
CA GLU C 90 -3.11 20.22 -2.05
C GLU C 90 -3.59 19.18 -3.06
N GLU C 91 -4.00 19.63 -4.24
CA GLU C 91 -4.48 18.70 -5.26
C GLU C 91 -3.34 17.83 -5.77
N LEU C 92 -2.17 18.43 -5.97
CA LEU C 92 -1.00 17.70 -6.45
C LEU C 92 -0.59 16.61 -5.47
N LEU C 93 -0.63 16.92 -4.18
CA LEU C 93 -0.37 15.92 -3.14
C LEU C 93 -1.47 14.87 -3.18
N TRP C 94 -2.70 15.35 -3.35
CA TRP C 94 -3.86 14.48 -3.52
C TRP C 94 -3.63 13.57 -4.72
N PHE C 95 -3.11 14.14 -5.80
CA PHE C 95 -2.72 13.38 -6.97
C PHE C 95 -1.59 12.41 -6.66
N ILE C 96 -0.54 12.92 -6.02
CA ILE C 96 0.62 12.11 -5.65
C ILE C 96 0.24 10.98 -4.72
N ARG C 97 -0.68 11.26 -3.81
CA ARG C 97 -1.12 10.28 -2.83
C ARG C 97 -1.69 9.04 -3.52
N GLY C 98 -2.04 9.18 -4.79
CA GLY C 98 -2.67 8.10 -5.53
C GLY C 98 -4.15 8.13 -5.22
N SER C 99 -4.52 9.10 -4.39
CA SER C 99 -5.87 9.21 -3.88
C SER C 99 -6.85 9.68 -4.94
N THR C 100 -7.90 8.90 -5.15
CA THR C 100 -9.04 9.43 -5.85
C THR C 100 -10.21 9.46 -4.87
N ASP C 101 -10.47 10.64 -4.33
CA ASP C 101 -11.63 10.85 -3.48
C ASP C 101 -11.97 12.33 -3.54
N SER C 102 -13.25 12.64 -3.54
CA SER C 102 -13.68 14.03 -3.53
C SER C 102 -13.55 14.59 -2.12
N LYS C 103 -13.70 13.72 -1.14
CA LYS C 103 -13.72 14.13 0.26
C LYS C 103 -12.32 14.35 0.83
N GLU C 104 -11.34 13.61 0.30
CA GLU C 104 -9.95 13.80 0.72
C GLU C 104 -9.49 15.22 0.38
N LEU C 105 -10.15 15.83 -0.60
CA LEU C 105 -9.90 17.22 -0.96
C LEU C 105 -10.73 18.20 -0.12
N ALA C 106 -12.05 18.10 -0.26
CA ALA C 106 -12.98 19.03 0.37
C ALA C 106 -12.86 19.09 1.89
N ALA C 107 -12.21 18.07 2.47
CA ALA C 107 -11.91 18.08 3.89
C ALA C 107 -11.01 19.27 4.21
N LYS C 108 -10.15 19.62 3.27
CA LYS C 108 -9.22 20.73 3.43
C LYS C 108 -9.88 22.02 2.95
N ASP C 109 -11.17 21.91 2.63
CA ASP C 109 -12.00 23.04 2.21
C ASP C 109 -11.88 23.33 0.71
N ILE C 110 -11.05 22.57 0.00
CA ILE C 110 -10.95 22.71 -1.45
C ILE C 110 -11.92 21.75 -2.13
N HIS C 111 -12.98 22.32 -2.70
CA HIS C 111 -14.08 21.55 -3.27
C HIS C 111 -14.04 21.42 -4.79
N ILE C 112 -12.97 21.92 -5.40
CA ILE C 112 -12.87 22.01 -6.85
C ILE C 112 -13.13 20.69 -7.62
N TRP C 113 -12.92 19.55 -6.96
CA TRP C 113 -13.14 18.27 -7.60
C TRP C 113 -14.52 17.65 -7.33
N ASP C 114 -15.39 18.41 -6.66
CA ASP C 114 -16.73 17.94 -6.37
C ASP C 114 -17.73 18.43 -7.42
N ILE C 115 -18.55 17.51 -7.92
CA ILE C 115 -19.69 17.88 -8.76
C ILE C 115 -20.67 16.72 -8.89
N ASP C 134 -15.46 8.90 -5.25
CA ASP C 134 -15.88 8.09 -6.38
C ASP C 134 -15.53 8.74 -7.72
N LEU C 135 -14.31 9.27 -7.81
CA LEU C 135 -13.86 9.91 -9.04
C LEU C 135 -13.28 8.88 -10.00
N GLY C 136 -13.27 7.61 -9.58
CA GLY C 136 -12.77 6.54 -10.42
C GLY C 136 -11.26 6.48 -10.47
N PRO C 137 -10.71 5.86 -11.52
CA PRO C 137 -9.25 5.72 -11.66
C PRO C 137 -8.64 6.97 -12.25
N ILE C 138 -8.69 8.07 -11.50
CA ILE C 138 -8.26 9.37 -12.01
C ILE C 138 -6.74 9.45 -12.06
N TYR C 139 -6.26 10.65 -12.34
CA TYR C 139 -4.85 10.91 -12.64
C TYR C 139 -3.94 10.28 -11.60
N GLY C 140 -4.20 10.59 -10.34
CA GLY C 140 -3.39 10.12 -9.24
C GLY C 140 -3.28 8.61 -9.18
N PHE C 141 -4.29 7.93 -9.73
CA PHE C 141 -4.29 6.48 -9.78
C PHE C 141 -3.28 5.99 -10.80
N GLN C 142 -3.37 6.51 -12.02
CA GLN C 142 -2.52 6.11 -13.12
C GLN C 142 -1.03 6.29 -12.81
N TRP C 143 -0.71 7.35 -12.09
CA TRP C 143 0.68 7.69 -11.81
C TRP C 143 1.43 6.59 -11.08
N ARG C 144 0.94 6.24 -9.89
CA ARG C 144 1.63 5.26 -9.07
C ARG C 144 1.14 3.83 -9.29
N HIS C 145 -0.02 3.69 -9.95
CA HIS C 145 -0.53 2.38 -10.33
C HIS C 145 -1.03 2.41 -11.77
N PHE C 146 -0.39 1.67 -12.65
CA PHE C 146 -0.80 1.65 -14.04
C PHE C 146 -1.08 0.22 -14.48
N GLY C 147 -2.22 0.03 -15.13
CA GLY C 147 -2.60 -1.30 -15.57
C GLY C 147 -3.07 -2.16 -14.41
N ALA C 148 -3.02 -1.60 -13.21
CA ALA C 148 -3.61 -2.26 -12.06
C ALA C 148 -5.13 -2.14 -12.18
N GLU C 149 -5.87 -2.75 -11.25
CA GLU C 149 -7.31 -2.73 -11.36
C GLU C 149 -7.92 -1.91 -10.23
N TYR C 150 -8.82 -1.01 -10.61
CA TYR C 150 -9.45 -0.10 -9.67
C TYR C 150 -10.71 -0.70 -9.06
N LYS C 151 -10.84 -0.59 -7.74
CA LYS C 151 -12.05 -1.02 -7.05
C LYS C 151 -12.80 0.19 -6.50
N ASP C 152 -12.25 0.81 -5.46
CA ASP C 152 -12.88 2.00 -4.88
C ASP C 152 -11.85 3.04 -4.43
N CYS C 153 -12.34 4.12 -3.83
CA CYS C 153 -11.51 5.27 -3.44
C CYS C 153 -10.54 4.96 -2.31
N GLN C 154 -11.06 4.37 -1.23
CA GLN C 154 -10.30 4.19 -0.01
C GLN C 154 -9.53 2.87 0.02
N SER C 155 -9.58 2.12 -1.06
CA SER C 155 -8.78 0.90 -1.17
C SER C 155 -7.30 1.21 -1.45
N ASN C 156 -6.42 0.36 -0.96
CA ASN C 156 -4.98 0.54 -1.13
C ASN C 156 -4.44 -0.36 -2.23
N TYR C 157 -4.04 0.28 -3.33
CA TYR C 157 -3.54 -0.42 -4.51
C TYR C 157 -2.03 -0.54 -4.47
N LEU C 158 -1.43 -0.13 -3.35
CA LEU C 158 0.02 -0.05 -3.22
C LEU C 158 0.70 -1.34 -3.66
N GLN C 159 1.77 -1.19 -4.43
CA GLN C 159 2.53 -2.30 -5.03
C GLN C 159 1.85 -2.90 -6.25
N GLN C 160 0.58 -2.56 -6.46
CA GLN C 160 -0.10 -2.98 -7.69
C GLN C 160 0.33 -2.09 -8.84
N GLY C 161 0.22 -2.64 -10.05
CA GLY C 161 0.49 -1.89 -11.27
C GLY C 161 1.88 -1.30 -11.34
N ILE C 162 2.04 -0.28 -12.17
CA ILE C 162 3.33 0.37 -12.30
C ILE C 162 3.24 1.78 -11.75
N ASP C 163 4.29 2.19 -11.06
CA ASP C 163 4.36 3.54 -10.53
C ASP C 163 5.34 4.36 -11.36
N GLN C 164 4.81 5.28 -12.16
CA GLN C 164 5.64 6.03 -13.09
C GLN C 164 6.25 7.24 -12.43
N LEU C 165 5.82 7.55 -11.20
CA LEU C 165 6.33 8.70 -10.50
C LEU C 165 7.69 8.39 -9.88
N GLN C 166 7.83 7.23 -9.27
CA GLN C 166 9.13 6.84 -8.71
C GLN C 166 9.98 6.13 -9.76
N THR C 167 9.38 5.77 -10.87
CA THR C 167 10.12 5.15 -11.97
C THR C 167 11.06 6.18 -12.60
N VAL C 168 10.59 7.42 -12.64
CA VAL C 168 11.41 8.52 -13.17
C VAL C 168 12.40 9.01 -12.13
N ILE C 169 12.01 8.95 -10.85
CA ILE C 169 12.86 9.47 -9.79
C ILE C 169 14.11 8.64 -9.62
N ASP C 170 13.91 7.32 -9.46
CA ASP C 170 15.01 6.38 -9.33
C ASP C 170 15.89 6.46 -10.57
N THR C 171 15.29 6.87 -11.68
CA THR C 171 15.99 7.02 -12.95
C THR C 171 16.81 8.29 -13.03
N ILE C 172 16.26 9.40 -12.56
CA ILE C 172 16.93 10.69 -12.68
C ILE C 172 18.29 10.69 -12.01
N LYS C 173 18.35 10.12 -10.80
CA LYS C 173 19.61 10.01 -10.10
C LYS C 173 20.52 9.06 -10.86
N THR C 174 19.92 7.98 -11.36
CA THR C 174 20.65 6.95 -12.09
C THR C 174 21.03 7.42 -13.49
N ASN C 175 20.06 7.92 -14.25
CA ASN C 175 20.28 8.33 -15.63
C ASN C 175 19.52 9.60 -15.98
N PRO C 176 20.09 10.77 -15.64
CA PRO C 176 19.47 12.07 -15.87
C PRO C 176 19.23 12.37 -17.34
N GLU C 177 20.04 11.75 -18.21
CA GLU C 177 19.75 11.87 -19.62
C GLU C 177 18.93 10.67 -20.00
N SER C 178 17.66 10.91 -20.22
CA SER C 178 16.74 9.87 -20.65
C SER C 178 15.65 10.52 -21.45
N ARG C 179 15.27 9.86 -22.54
CA ARG C 179 14.15 10.32 -23.32
C ARG C 179 12.94 9.53 -22.87
N ARG C 180 13.20 8.58 -21.96
CA ARG C 180 12.21 7.62 -21.50
C ARG C 180 11.56 7.99 -20.17
N MET C 181 11.86 9.18 -19.65
CA MET C 181 11.27 9.58 -18.38
C MET C 181 9.96 10.30 -18.67
N ILE C 182 8.86 9.62 -18.35
CA ILE C 182 7.52 10.12 -18.69
C ILE C 182 6.47 9.58 -17.73
N ILE C 183 5.41 10.35 -17.56
CA ILE C 183 4.25 9.93 -16.78
C ILE C 183 2.97 10.29 -17.55
N SER C 184 2.17 9.28 -17.90
CA SER C 184 0.94 9.54 -18.63
C SER C 184 -0.30 9.17 -17.82
N SER C 185 -1.35 9.96 -17.99
CA SER C 185 -2.62 9.69 -17.35
C SER C 185 -3.53 8.93 -18.30
N TRP C 186 -3.03 8.59 -19.48
CA TRP C 186 -3.92 8.07 -20.51
C TRP C 186 -4.04 6.55 -20.46
N ASN C 187 -5.21 6.10 -20.05
CA ASN C 187 -5.49 4.69 -19.89
C ASN C 187 -6.86 4.34 -20.45
N PRO C 188 -6.90 4.03 -21.76
CA PRO C 188 -8.12 3.74 -22.51
C PRO C 188 -9.03 2.73 -21.83
N LYS C 189 -8.45 1.85 -21.02
CA LYS C 189 -9.22 0.85 -20.29
C LYS C 189 -9.95 1.46 -19.10
N ASP C 190 -9.28 2.38 -18.40
CA ASP C 190 -9.86 3.02 -17.24
C ASP C 190 -10.56 4.33 -17.57
N ILE C 191 -10.61 4.67 -18.84
CA ILE C 191 -11.26 5.91 -19.27
C ILE C 191 -12.73 5.94 -18.88
N PRO C 192 -13.46 4.88 -19.24
CA PRO C 192 -14.89 4.81 -18.91
C PRO C 192 -15.13 4.93 -17.40
N LEU C 193 -14.17 4.48 -16.60
CA LEU C 193 -14.30 4.49 -15.15
C LEU C 193 -14.05 5.87 -14.58
N MET C 194 -13.12 6.61 -15.19
CA MET C 194 -12.87 7.98 -14.79
C MET C 194 -14.14 8.81 -14.91
N VAL C 195 -14.40 9.65 -13.94
CA VAL C 195 -15.46 10.64 -14.07
C VAL C 195 -15.10 11.55 -15.22
N LEU C 196 -13.81 11.87 -15.34
CA LEU C 196 -13.31 12.61 -16.48
C LEU C 196 -11.96 12.07 -16.95
N PRO C 197 -11.77 12.00 -18.28
CA PRO C 197 -10.46 11.73 -18.87
C PRO C 197 -9.49 12.86 -18.57
N PRO C 198 -8.19 12.56 -18.53
CA PRO C 198 -7.18 13.53 -18.11
C PRO C 198 -7.03 14.70 -19.08
N CYS C 199 -7.05 15.92 -18.56
CA CYS C 199 -6.73 17.09 -19.36
C CYS C 199 -5.22 17.19 -19.47
N HIS C 200 -4.54 16.44 -18.61
CA HIS C 200 -3.11 16.22 -18.79
C HIS C 200 -2.90 14.75 -19.13
N THR C 201 -2.55 14.50 -20.39
CA THR C 201 -2.33 13.14 -20.83
C THR C 201 -1.04 12.62 -20.22
N LEU C 202 0.03 13.40 -20.36
CA LEU C 202 1.34 12.99 -19.90
C LEU C 202 2.28 14.16 -19.65
N CYS C 203 3.36 13.90 -18.93
CA CYS C 203 4.45 14.85 -18.82
C CYS C 203 5.78 14.14 -19.07
N GLN C 204 6.82 14.92 -19.35
CA GLN C 204 8.15 14.36 -19.58
C GLN C 204 9.21 15.23 -18.97
N PHE C 205 10.24 14.59 -18.42
CA PHE C 205 11.27 15.29 -17.66
C PHE C 205 12.60 15.30 -18.41
N TYR C 206 13.39 16.35 -18.15
CA TYR C 206 14.61 16.61 -18.91
C TYR C 206 15.71 17.17 -18.02
N VAL C 207 16.92 16.68 -18.17
CA VAL C 207 18.05 17.15 -17.38
C VAL C 207 19.15 17.74 -18.25
N ALA C 208 19.35 19.05 -18.11
CA ALA C 208 20.45 19.73 -18.80
C ALA C 208 21.20 20.65 -17.85
N ASN C 209 22.47 20.33 -17.61
CA ASN C 209 23.35 21.11 -16.75
C ASN C 209 22.79 21.34 -15.34
N GLY C 210 22.43 20.26 -14.68
CA GLY C 210 22.05 20.30 -13.28
C GLY C 210 20.64 20.79 -13.00
N GLU C 211 19.97 21.26 -14.03
CA GLU C 211 18.63 21.81 -13.88
C GLU C 211 17.60 20.84 -14.41
N LEU C 212 16.42 20.83 -13.79
CA LEU C 212 15.36 19.93 -14.22
C LEU C 212 14.24 20.69 -14.91
N SER C 213 13.90 20.23 -16.11
CA SER C 213 12.83 20.83 -16.89
C SER C 213 11.69 19.83 -17.07
N CYS C 214 10.50 20.35 -17.27
CA CYS C 214 9.35 19.50 -17.57
C CYS C 214 8.55 20.08 -18.72
N GLN C 215 8.00 19.19 -19.54
CA GLN C 215 7.05 19.60 -20.55
C GLN C 215 5.81 18.74 -20.39
N VAL C 216 4.64 19.38 -20.48
CA VAL C 216 3.40 18.67 -20.24
C VAL C 216 2.43 18.81 -21.40
N TYR C 217 1.89 17.69 -21.86
CA TYR C 217 0.90 17.74 -22.90
C TYR C 217 -0.49 17.91 -22.29
N GLN C 218 -1.14 19.00 -22.64
CA GLN C 218 -2.49 19.28 -22.18
C GLN C 218 -3.44 19.18 -23.36
N ARG C 219 -4.26 18.14 -23.38
CA ARG C 219 -5.15 17.88 -24.51
C ARG C 219 -6.16 18.99 -24.69
N SER C 220 -6.50 19.66 -23.58
CA SER C 220 -7.51 20.69 -23.59
C SER C 220 -7.25 21.72 -22.48
N GLY C 221 -7.61 22.97 -22.71
CA GLY C 221 -7.43 23.97 -21.67
C GLY C 221 -8.36 25.17 -21.70
N ASP C 222 -8.58 25.73 -20.52
CA ASP C 222 -9.45 26.88 -20.30
C ASP C 222 -8.58 27.98 -19.73
N MET C 223 -8.58 29.13 -20.40
CA MET C 223 -7.69 30.21 -20.02
C MET C 223 -8.34 31.09 -18.95
N GLY C 224 -9.62 30.85 -18.66
CA GLY C 224 -10.29 31.57 -17.59
C GLY C 224 -9.92 31.07 -16.20
N LEU C 225 -9.94 29.75 -16.03
CA LEU C 225 -9.62 29.13 -14.74
C LEU C 225 -8.53 28.08 -14.89
N GLY C 226 -8.84 27.06 -15.68
CA GLY C 226 -8.01 25.86 -15.79
C GLY C 226 -6.54 26.00 -16.16
N VAL C 227 -6.25 26.64 -17.28
CA VAL C 227 -4.89 26.64 -17.82
C VAL C 227 -3.85 27.19 -16.84
N PRO C 228 -4.12 28.37 -16.25
CA PRO C 228 -3.18 28.96 -15.29
C PRO C 228 -2.89 28.07 -14.09
N PHE C 229 -3.86 27.28 -13.65
CA PHE C 229 -3.68 26.36 -12.53
C PHE C 229 -2.55 25.35 -12.75
N ASN C 230 -2.72 24.46 -13.73
CA ASN C 230 -1.75 23.39 -13.99
C ASN C 230 -0.35 23.91 -14.26
N ILE C 231 -0.26 25.11 -14.82
CA ILE C 231 1.03 25.70 -15.13
C ILE C 231 1.85 25.78 -13.86
N ALA C 232 1.20 26.24 -12.79
CA ALA C 232 1.82 26.25 -11.48
C ALA C 232 1.75 24.87 -10.86
N GLY C 233 0.66 24.15 -11.13
CA GLY C 233 0.51 22.80 -10.66
C GLY C 233 1.59 21.89 -11.21
N TYR C 234 1.99 22.14 -12.45
CA TYR C 234 3.07 21.37 -13.06
C TYR C 234 4.43 22.02 -12.86
N ALA C 235 4.42 23.27 -12.39
CA ALA C 235 5.67 23.95 -12.05
C ALA C 235 6.14 23.47 -10.69
N LEU C 236 5.17 23.06 -9.88
CA LEU C 236 5.42 22.52 -8.54
C LEU C 236 5.87 21.08 -8.64
N LEU C 237 5.35 20.37 -9.64
CA LEU C 237 5.72 18.98 -9.85
C LEU C 237 7.19 18.87 -10.24
N THR C 238 7.67 19.87 -10.98
CA THR C 238 9.08 19.93 -11.36
C THR C 238 9.92 20.35 -10.17
N TYR C 239 9.36 21.25 -9.37
CA TYR C 239 10.05 21.77 -8.19
C TYR C 239 10.33 20.67 -7.17
N ILE C 240 9.34 19.80 -6.97
CA ILE C 240 9.46 18.72 -5.99
C ILE C 240 10.42 17.64 -6.46
N VAL C 241 10.23 17.18 -7.69
CA VAL C 241 11.10 16.19 -8.31
C VAL C 241 12.53 16.71 -8.31
N ALA C 242 12.66 18.04 -8.36
CA ALA C 242 13.96 18.67 -8.28
C ALA C 242 14.53 18.56 -6.88
N HIS C 243 13.73 18.94 -5.89
CA HIS C 243 14.15 18.85 -4.50
C HIS C 243 14.41 17.40 -4.13
N VAL C 244 13.53 16.52 -4.60
CA VAL C 244 13.70 15.08 -4.40
C VAL C 244 15.04 14.60 -4.95
N THR C 245 15.32 14.94 -6.19
CA THR C 245 16.52 14.46 -6.86
C THR C 245 17.68 15.44 -6.67
N GLY C 246 17.43 16.54 -5.97
CA GLY C 246 18.48 17.48 -5.62
C GLY C 246 19.01 18.31 -6.78
N LEU C 247 18.09 18.79 -7.60
CA LEU C 247 18.46 19.57 -8.77
C LEU C 247 17.80 20.96 -8.79
N LYS C 248 18.39 21.86 -9.57
CA LYS C 248 17.83 23.18 -9.82
C LYS C 248 16.67 23.04 -10.79
N THR C 249 15.81 24.05 -10.84
CA THR C 249 14.64 24.00 -11.73
C THR C 249 14.86 24.82 -12.98
N GLY C 250 15.08 24.16 -14.11
CA GLY C 250 15.31 24.86 -15.36
C GLY C 250 14.13 25.58 -16.01
N ASP C 251 13.10 24.83 -16.37
CA ASP C 251 12.06 25.38 -17.24
C ASP C 251 10.75 24.60 -17.18
N LEU C 252 9.67 25.24 -17.61
CA LEU C 252 8.41 24.54 -17.80
C LEU C 252 7.84 24.83 -19.18
N ILE C 253 7.74 23.78 -20.01
CA ILE C 253 7.16 23.93 -21.34
C ILE C 253 5.74 23.39 -21.37
N HIS C 254 4.80 24.30 -21.58
CA HIS C 254 3.38 23.96 -21.51
C HIS C 254 2.79 23.78 -22.90
N THR C 255 2.48 22.53 -23.24
CA THR C 255 1.91 22.21 -24.55
C THR C 255 0.42 21.99 -24.43
N MET C 256 -0.32 22.43 -25.44
CA MET C 256 -1.76 22.37 -25.39
C MET C 256 -2.34 21.69 -26.63
N GLY C 257 -3.41 20.94 -26.40
CA GLY C 257 -4.25 20.40 -27.45
C GLY C 257 -5.16 21.55 -27.76
N ASP C 258 -6.43 21.29 -27.99
CA ASP C 258 -7.36 22.42 -28.10
C ASP C 258 -7.18 23.38 -26.92
N ALA C 259 -6.97 24.64 -27.25
CA ALA C 259 -6.83 25.67 -26.24
C ALA C 259 -7.89 26.72 -26.49
N HIS C 260 -8.81 26.88 -25.53
CA HIS C 260 -10.02 27.63 -25.80
C HIS C 260 -10.49 28.59 -24.70
N ILE C 261 -11.39 29.48 -25.09
CA ILE C 261 -12.06 30.39 -24.18
C ILE C 261 -13.55 30.32 -24.45
N TYR C 262 -14.34 30.20 -23.40
CA TYR C 262 -15.79 30.23 -23.55
C TYR C 262 -16.21 31.64 -23.94
N LEU C 263 -17.33 31.75 -24.62
CA LEU C 263 -17.78 33.06 -25.11
C LEU C 263 -18.26 33.95 -23.98
N ASN C 264 -18.64 33.34 -22.86
CA ASN C 264 -19.07 34.11 -21.68
C ASN C 264 -17.90 34.71 -20.91
N HIS C 265 -16.73 34.08 -21.03
CA HIS C 265 -15.52 34.59 -20.40
C HIS C 265 -14.83 35.61 -21.30
N ILE C 266 -15.39 35.82 -22.49
CA ILE C 266 -14.73 36.62 -23.51
C ILE C 266 -14.44 38.05 -23.06
N ASP C 267 -15.47 38.78 -22.65
CA ASP C 267 -15.30 40.17 -22.25
C ASP C 267 -14.52 40.27 -20.95
N ALA C 268 -14.54 39.18 -20.19
CA ALA C 268 -13.90 39.15 -18.87
C ALA C 268 -12.39 38.98 -18.96
N LEU C 269 -11.93 38.30 -20.00
CA LEU C 269 -10.49 38.07 -20.18
C LEU C 269 -9.79 39.26 -20.81
N LYS C 270 -10.57 40.12 -21.48
CA LYS C 270 -9.99 41.27 -22.17
C LYS C 270 -9.45 42.30 -21.20
N VAL C 271 -10.07 42.40 -20.02
CA VAL C 271 -9.58 43.32 -19.00
C VAL C 271 -8.29 42.79 -18.41
N GLN C 272 -8.28 41.49 -18.14
CA GLN C 272 -7.10 40.82 -17.61
C GLN C 272 -5.91 40.99 -18.53
N LEU C 273 -6.20 41.08 -19.83
CA LEU C 273 -5.16 41.23 -20.84
C LEU C 273 -4.71 42.69 -20.92
N ALA C 274 -5.52 43.56 -20.33
CA ALA C 274 -5.16 44.97 -20.20
C ALA C 274 -4.35 45.18 -18.93
N ARG C 275 -4.08 44.08 -18.22
CA ARG C 275 -3.31 44.12 -16.98
C ARG C 275 -1.86 43.75 -17.20
N SER C 276 -0.97 44.72 -17.02
CA SER C 276 0.46 44.47 -17.13
C SER C 276 0.94 43.67 -15.94
N PRO C 277 1.51 42.49 -16.19
CA PRO C 277 1.90 41.55 -15.13
C PRO C 277 3.16 41.96 -14.37
N LYS C 278 3.16 41.67 -13.07
CA LYS C 278 4.30 41.88 -12.20
C LYS C 278 5.28 40.72 -12.28
N PRO C 279 6.49 40.91 -11.74
CA PRO C 279 7.43 39.79 -11.64
C PRO C 279 6.78 38.66 -10.85
N PHE C 280 7.10 37.41 -11.18
CA PHE C 280 6.51 36.27 -10.47
C PHE C 280 7.26 36.01 -9.17
N PRO C 281 6.55 35.50 -8.15
CA PRO C 281 7.09 35.26 -6.81
C PRO C 281 8.14 34.16 -6.79
N CYS C 282 8.71 33.93 -5.61
CA CYS C 282 9.72 32.89 -5.45
C CYS C 282 9.20 31.76 -4.59
N LEU C 283 9.58 30.54 -4.94
CA LEU C 283 9.14 29.39 -4.18
C LEU C 283 10.28 28.86 -3.32
N LYS C 284 10.07 28.87 -2.01
CA LYS C 284 11.03 28.30 -1.08
C LYS C 284 10.39 27.14 -0.31
N ILE C 285 10.97 25.96 -0.46
CA ILE C 285 10.54 24.79 0.30
C ILE C 285 11.35 24.66 1.57
N ILE C 286 10.65 24.63 2.70
CA ILE C 286 11.29 24.86 4.00
C ILE C 286 12.12 23.68 4.50
N ARG C 287 11.46 22.61 4.90
CA ARG C 287 12.14 21.44 5.43
C ARG C 287 12.69 20.60 4.30
N ASN C 288 13.90 20.08 4.47
CA ASN C 288 14.48 19.25 3.44
C ASN C 288 13.85 17.87 3.51
N VAL C 289 13.15 17.51 2.44
CA VAL C 289 12.32 16.32 2.43
C VAL C 289 12.82 15.28 1.46
N THR C 290 13.16 14.09 1.95
CA THR C 290 13.46 13.01 1.04
C THR C 290 12.42 11.91 1.18
N ASP C 291 11.48 11.90 0.23
CA ASP C 291 10.50 10.84 0.05
C ASP C 291 9.48 11.32 -0.96
N ILE C 292 8.56 10.45 -1.33
CA ILE C 292 7.55 10.79 -2.35
C ILE C 292 6.46 11.72 -1.82
N ASN C 293 5.59 11.20 -0.95
CA ASN C 293 4.47 11.98 -0.45
C ASN C 293 4.76 12.62 0.90
N ASP C 294 6.00 12.53 1.36
CA ASP C 294 6.39 13.09 2.65
C ASP C 294 6.10 14.60 2.74
N PHE C 295 5.80 15.22 1.60
CA PHE C 295 5.57 16.66 1.54
C PHE C 295 4.27 17.07 2.23
N LYS C 296 4.28 18.27 2.83
CA LYS C 296 3.11 18.84 3.49
C LYS C 296 2.89 20.28 3.03
N TRP C 297 1.65 20.75 3.13
CA TRP C 297 1.25 22.09 2.68
C TRP C 297 2.06 23.18 3.37
N ASP C 298 2.66 22.84 4.51
CA ASP C 298 3.45 23.80 5.28
C ASP C 298 4.93 23.78 4.93
N ASP C 299 5.34 22.80 4.15
CA ASP C 299 6.71 22.74 3.64
C ASP C 299 6.92 23.84 2.62
N PHE C 300 5.81 24.30 2.03
CA PHE C 300 5.83 25.23 0.91
C PHE C 300 5.64 26.68 1.33
N GLN C 301 6.69 27.48 1.10
CA GLN C 301 6.64 28.90 1.39
C GLN C 301 6.70 29.68 0.09
N LEU C 302 5.59 30.32 -0.28
CA LEU C 302 5.55 31.11 -1.50
C LEU C 302 5.77 32.58 -1.17
N ASP C 303 6.92 33.10 -1.60
CA ASP C 303 7.28 34.48 -1.32
C ASP C 303 7.16 35.38 -2.55
N GLY C 304 6.50 36.51 -2.37
CA GLY C 304 6.43 37.54 -3.40
C GLY C 304 5.23 37.46 -4.32
N TYR C 305 4.16 36.81 -3.87
CA TYR C 305 2.97 36.76 -4.70
C TYR C 305 2.06 37.91 -4.33
N ASN C 306 1.98 38.87 -5.24
CA ASN C 306 1.09 40.00 -5.12
C ASN C 306 0.42 40.17 -6.47
N PRO C 307 -0.68 39.44 -6.69
CA PRO C 307 -1.38 39.39 -7.97
C PRO C 307 -2.25 40.62 -8.20
N HIS C 308 -2.91 40.66 -9.34
CA HIS C 308 -3.93 41.66 -9.60
C HIS C 308 -5.25 41.20 -9.00
N PRO C 309 -6.16 42.16 -8.72
CA PRO C 309 -7.49 41.82 -8.22
C PRO C 309 -8.21 40.85 -9.15
N PRO C 310 -8.87 39.84 -8.57
CA PRO C 310 -9.54 38.72 -9.24
C PRO C 310 -10.68 39.14 -10.17
N LEU C 311 -11.09 38.22 -11.03
CA LEU C 311 -12.18 38.44 -11.97
C LEU C 311 -11.86 39.52 -12.98
N THR D 30 7.42 32.19 -37.08
CA THR D 30 6.85 32.82 -38.26
C THR D 30 7.22 32.07 -39.54
N LEU D 31 7.20 30.74 -39.49
CA LEU D 31 7.61 29.96 -40.65
C LEU D 31 6.63 28.83 -41.04
N THR D 32 6.59 27.77 -40.23
CA THR D 32 5.67 26.64 -40.41
C THR D 32 6.08 25.58 -41.44
N GLY D 33 7.06 25.87 -42.28
CA GLY D 33 7.41 24.92 -43.34
C GLY D 33 8.53 23.97 -42.94
N GLU D 34 9.22 23.45 -43.95
CA GLU D 34 10.47 22.75 -43.72
C GLU D 34 11.47 23.77 -43.17
N LEU D 35 11.16 25.04 -43.37
CA LEU D 35 11.94 26.13 -42.80
C LEU D 35 11.78 26.14 -41.29
N GLN D 36 10.67 25.60 -40.80
CA GLN D 36 10.50 25.43 -39.36
C GLN D 36 11.43 24.33 -38.88
N TYR D 37 11.41 23.21 -39.61
CA TYR D 37 12.32 22.11 -39.31
C TYR D 37 13.78 22.55 -39.36
N LEU D 38 14.09 23.43 -40.31
CA LEU D 38 15.47 23.87 -40.50
C LEU D 38 15.88 24.84 -39.42
N LYS D 39 14.91 25.54 -38.84
CA LYS D 39 15.17 26.43 -37.71
C LYS D 39 15.30 25.65 -36.41
N GLN D 40 14.48 24.62 -36.26
CA GLN D 40 14.60 23.71 -35.13
C GLN D 40 16.02 23.16 -35.06
N VAL D 41 16.56 22.82 -36.22
CA VAL D 41 17.94 22.33 -36.34
C VAL D 41 18.93 23.43 -36.02
N ASP D 42 18.68 24.61 -36.58
CA ASP D 42 19.52 25.78 -36.36
C ASP D 42 19.58 26.09 -34.88
N ASP D 43 18.42 26.07 -34.23
CA ASP D 43 18.35 26.28 -32.79
C ASP D 43 19.13 25.22 -32.02
N ILE D 44 19.15 24.00 -32.57
CA ILE D 44 19.84 22.89 -31.94
C ILE D 44 21.35 23.01 -32.04
N LEU D 45 21.87 23.19 -33.25
CA LEU D 45 23.31 23.25 -33.44
C LEU D 45 23.87 24.52 -32.84
N ARG D 46 23.08 25.58 -32.86
CA ARG D 46 23.51 26.87 -32.33
C ARG D 46 23.54 26.84 -30.80
N TYR D 47 22.37 26.71 -30.18
CA TYR D 47 22.24 26.76 -28.74
C TYR D 47 22.17 25.41 -28.02
N GLY D 48 22.28 24.32 -28.78
CA GLY D 48 22.13 23.00 -28.19
C GLY D 48 23.19 22.68 -27.14
N VAL D 49 22.80 21.89 -26.15
CA VAL D 49 23.70 21.49 -25.07
C VAL D 49 24.20 20.04 -25.23
N ARG D 50 25.50 19.83 -25.05
CA ARG D 50 26.11 18.53 -25.26
C ARG D 50 25.63 17.49 -24.25
N LYS D 51 25.45 16.27 -24.73
CA LYS D 51 25.01 15.16 -23.89
C LYS D 51 25.64 13.84 -24.34
N ARG D 52 25.14 12.74 -23.77
CA ARG D 52 25.61 11.40 -24.09
C ARG D 52 24.42 10.44 -24.22
N ASP D 53 24.66 9.27 -24.78
CA ASP D 53 23.65 8.22 -24.85
C ASP D 53 24.02 7.09 -23.90
N GLY D 56 26.52 5.28 -26.25
CA GLY D 56 27.40 6.17 -25.52
C GLY D 56 27.80 7.38 -26.34
N ILE D 57 27.06 7.61 -27.43
CA ILE D 57 27.36 8.69 -28.35
C ILE D 57 26.68 10.01 -27.96
N GLY D 58 27.40 11.11 -28.13
CA GLY D 58 26.89 12.42 -27.76
C GLY D 58 25.85 12.96 -28.71
N THR D 59 25.18 14.02 -28.29
CA THR D 59 24.17 14.69 -29.11
C THR D 59 24.11 16.18 -28.76
N LEU D 60 23.50 16.96 -29.62
CA LEU D 60 23.14 18.33 -29.27
C LEU D 60 21.67 18.33 -28.92
N SER D 61 21.38 18.50 -27.63
CA SER D 61 20.05 18.21 -27.11
C SER D 61 19.30 19.44 -26.64
N LEU D 62 17.98 19.43 -26.83
CA LEU D 62 17.13 20.52 -26.40
C LEU D 62 15.83 19.93 -25.84
N PHE D 63 14.86 20.78 -25.54
CA PHE D 63 13.60 20.31 -24.99
C PHE D 63 12.44 21.22 -25.35
N GLY D 64 11.24 20.66 -25.50
CA GLY D 64 10.07 21.45 -25.76
C GLY D 64 10.01 22.14 -27.11
N MET D 65 10.10 21.36 -28.18
CA MET D 65 10.11 21.90 -29.54
C MET D 65 8.78 21.72 -30.24
N GLN D 66 8.44 22.67 -31.12
CA GLN D 66 7.19 22.61 -31.86
C GLN D 66 7.29 23.15 -33.29
N ALA D 67 6.58 22.53 -34.22
CA ALA D 67 6.52 22.98 -35.60
C ALA D 67 5.17 22.67 -36.21
N ARG D 68 4.65 23.59 -37.01
CA ARG D 68 3.32 23.44 -37.57
C ARG D 68 3.34 23.31 -39.09
N TYR D 69 3.02 22.11 -39.60
CA TYR D 69 3.06 21.85 -41.04
C TYR D 69 1.66 21.85 -41.67
N ASN D 70 1.43 22.76 -42.61
CA ASN D 70 0.18 22.81 -43.33
C ASN D 70 -0.13 21.51 -44.08
N LEU D 71 -1.33 20.98 -43.87
CA LEU D 71 -1.80 19.83 -44.62
C LEU D 71 -2.72 20.21 -45.79
N ARG D 72 -2.96 21.50 -45.98
CA ARG D 72 -3.95 21.93 -46.95
C ARG D 72 -3.35 22.11 -48.34
N ASN D 73 -3.80 21.28 -49.28
CA ASN D 73 -3.40 21.36 -50.69
C ASN D 73 -1.95 21.00 -50.95
N GLU D 74 -1.20 20.70 -49.89
CA GLU D 74 0.18 20.24 -50.05
C GLU D 74 0.49 19.14 -49.06
N PHE D 75 1.60 18.44 -49.27
CA PHE D 75 2.02 17.41 -48.33
C PHE D 75 3.45 17.69 -47.85
N PRO D 76 3.70 17.46 -46.56
CA PRO D 76 4.96 17.79 -45.90
C PRO D 76 6.01 16.69 -45.97
N LEU D 77 6.50 16.40 -47.16
CA LEU D 77 7.63 15.48 -47.32
C LEU D 77 8.91 16.32 -47.50
N LEU D 78 9.79 16.28 -46.51
CA LEU D 78 10.93 17.19 -46.43
C LEU D 78 11.87 17.08 -47.63
N THR D 79 12.17 18.24 -48.22
CA THR D 79 12.92 18.32 -49.46
C THR D 79 14.43 18.52 -49.35
N THR D 80 14.94 18.83 -48.16
CA THR D 80 16.38 19.13 -48.02
C THR D 80 17.22 17.86 -48.01
N LYS D 81 16.56 16.74 -47.74
CA LYS D 81 17.18 15.43 -47.90
C LYS D 81 16.06 14.45 -48.21
N ARG D 82 16.34 13.50 -49.09
CA ARG D 82 15.31 12.55 -49.50
C ARG D 82 14.83 11.73 -48.31
N VAL D 83 13.56 11.33 -48.35
CA VAL D 83 12.99 10.47 -47.33
C VAL D 83 12.61 9.16 -47.98
N PHE D 84 12.50 8.11 -47.20
CA PHE D 84 12.06 6.83 -47.74
C PHE D 84 10.56 6.83 -47.60
N TRP D 85 9.86 6.99 -48.72
CA TRP D 85 8.43 7.21 -48.69
C TRP D 85 7.61 5.92 -48.72
N ARG D 86 8.23 4.81 -49.09
CA ARG D 86 7.53 3.54 -49.09
C ARG D 86 7.59 2.91 -47.71
N ALA D 87 8.55 3.38 -46.90
CA ALA D 87 8.68 2.93 -45.53
C ALA D 87 7.68 3.63 -44.63
N VAL D 88 7.54 4.94 -44.84
CA VAL D 88 6.59 5.75 -44.10
C VAL D 88 5.16 5.24 -44.25
N VAL D 89 4.82 4.83 -45.47
CA VAL D 89 3.49 4.31 -45.74
C VAL D 89 3.35 2.87 -45.27
N GLU D 90 4.36 2.05 -45.53
CA GLU D 90 4.27 0.63 -45.16
C GLU D 90 4.40 0.44 -43.66
N GLU D 91 5.06 1.38 -42.99
CA GLU D 91 5.11 1.32 -41.54
C GLU D 91 3.72 1.64 -41.00
N LEU D 92 3.10 2.65 -41.60
CA LEU D 92 1.80 3.13 -41.15
C LEU D 92 0.70 2.12 -41.44
N LEU D 93 0.84 1.37 -42.52
CA LEU D 93 -0.11 0.30 -42.81
C LEU D 93 0.20 -0.86 -41.88
N TRP D 94 1.48 -1.05 -41.60
CA TRP D 94 1.95 -2.06 -40.66
C TRP D 94 1.41 -1.76 -39.27
N PHE D 95 1.37 -0.47 -38.93
CA PHE D 95 0.75 0.00 -37.69
C PHE D 95 -0.75 -0.27 -37.64
N ILE D 96 -1.46 0.19 -38.66
CA ILE D 96 -2.93 0.21 -38.64
C ILE D 96 -3.55 -1.18 -38.56
N ARG D 97 -2.89 -2.17 -39.13
CA ARG D 97 -3.40 -3.53 -39.03
C ARG D 97 -2.93 -4.12 -37.72
N GLY D 98 -2.20 -3.31 -36.95
CA GLY D 98 -1.78 -3.68 -35.61
C GLY D 98 -0.85 -4.87 -35.53
N SER D 99 -0.06 -5.06 -36.58
CA SER D 99 0.80 -6.23 -36.64
C SER D 99 2.23 -5.90 -36.27
N THR D 100 2.80 -6.69 -35.36
CA THR D 100 4.23 -6.58 -35.12
C THR D 100 4.96 -7.77 -35.72
N ASP D 101 5.58 -7.53 -36.87
CA ASP D 101 6.58 -8.43 -37.43
C ASP D 101 7.59 -7.56 -38.13
N SER D 102 8.87 -7.73 -37.81
CA SER D 102 9.90 -6.95 -38.51
C SER D 102 10.08 -7.55 -39.90
N LYS D 103 9.48 -8.72 -40.10
CA LYS D 103 9.51 -9.42 -41.37
C LYS D 103 8.48 -8.86 -42.34
N GLU D 104 7.31 -8.52 -41.81
CA GLU D 104 6.17 -8.12 -42.64
C GLU D 104 6.52 -7.00 -43.62
N LEU D 105 7.37 -6.08 -43.20
CA LEU D 105 7.87 -5.06 -44.10
C LEU D 105 9.23 -5.43 -44.68
N ALA D 106 9.78 -6.56 -44.23
CA ALA D 106 11.05 -7.04 -44.73
C ALA D 106 10.88 -7.72 -46.07
N ALA D 107 9.80 -8.47 -46.20
CA ALA D 107 9.47 -9.12 -47.47
C ALA D 107 9.21 -8.07 -48.53
N LYS D 108 8.92 -6.86 -48.08
CA LYS D 108 8.73 -5.72 -48.97
C LYS D 108 10.05 -5.00 -49.10
N ASP D 109 11.08 -5.58 -48.46
CA ASP D 109 12.42 -5.03 -48.51
C ASP D 109 12.49 -3.66 -47.84
N ILE D 110 11.63 -3.45 -46.85
CA ILE D 110 11.79 -2.34 -45.94
C ILE D 110 12.32 -2.86 -44.60
N HIS D 111 13.61 -2.60 -44.37
CA HIS D 111 14.36 -3.29 -43.32
C HIS D 111 14.61 -2.54 -42.00
N ILE D 112 14.06 -1.34 -41.86
CA ILE D 112 14.37 -0.48 -40.71
C ILE D 112 14.27 -1.17 -39.36
N TRP D 113 13.28 -2.04 -39.20
CA TRP D 113 13.03 -2.72 -37.92
C TRP D 113 13.77 -4.05 -37.77
N ASP D 114 14.62 -4.39 -38.73
CA ASP D 114 15.22 -5.72 -38.80
C ASP D 114 16.19 -6.07 -37.67
N ILE D 115 17.03 -5.13 -37.28
CA ILE D 115 17.99 -5.36 -36.21
C ILE D 115 17.26 -5.60 -34.90
N TYR D 116 16.08 -5.01 -34.76
CA TYR D 116 15.28 -5.14 -33.56
C TYR D 116 14.47 -6.43 -33.52
N GLY D 117 14.28 -7.03 -34.69
CA GLY D 117 13.60 -8.31 -34.80
C GLY D 117 14.57 -9.46 -34.67
N SER D 118 15.86 -9.13 -34.71
CA SER D 118 16.91 -10.15 -34.66
C SER D 118 17.12 -10.66 -33.24
N SER D 119 17.18 -11.99 -33.11
CA SER D 119 17.39 -12.62 -31.82
C SER D 119 18.80 -12.39 -31.28
N LYS D 120 19.70 -11.93 -32.16
CA LYS D 120 20.99 -11.45 -31.68
C LYS D 120 20.77 -10.25 -30.78
N PHE D 121 19.75 -9.46 -31.13
CA PHE D 121 19.32 -8.31 -30.34
C PHE D 121 18.48 -8.76 -29.15
N LEU D 122 17.55 -9.68 -29.38
CA LEU D 122 16.65 -10.16 -28.33
C LEU D 122 17.37 -10.86 -27.19
N ASN D 123 18.28 -11.77 -27.53
CA ASN D 123 19.02 -12.56 -26.53
C ASN D 123 19.76 -11.68 -25.52
N ARG D 124 20.21 -10.53 -25.98
CA ARG D 124 20.93 -9.60 -25.12
C ARG D 124 19.98 -8.89 -24.18
N ASN D 125 18.82 -8.50 -24.69
CA ASN D 125 17.90 -7.65 -23.95
C ASN D 125 16.90 -8.42 -23.10
N GLY D 126 17.06 -9.73 -23.03
CA GLY D 126 16.29 -10.53 -22.09
C GLY D 126 15.24 -11.48 -22.63
N PHE D 127 14.89 -11.34 -23.90
CA PHE D 127 13.98 -12.32 -24.48
C PHE D 127 14.74 -13.29 -25.36
N HIS D 128 14.95 -14.49 -24.84
CA HIS D 128 15.54 -15.57 -25.62
C HIS D 128 14.45 -16.51 -26.11
N LYS D 129 13.22 -16.23 -25.70
CA LYS D 129 12.08 -17.06 -26.02
C LYS D 129 11.34 -16.54 -27.25
N ARG D 130 11.81 -15.44 -27.80
CA ARG D 130 11.14 -14.83 -28.94
C ARG D 130 11.75 -15.28 -30.26
N HIS D 131 10.89 -15.68 -31.19
CA HIS D 131 11.31 -15.98 -32.55
C HIS D 131 11.61 -14.68 -33.28
N THR D 132 12.35 -14.79 -34.38
CA THR D 132 12.82 -13.62 -35.12
C THR D 132 11.71 -12.63 -35.44
N GLY D 133 12.02 -11.35 -35.27
CA GLY D 133 11.11 -10.28 -35.63
C GLY D 133 9.89 -10.21 -34.73
N ASP D 134 10.09 -10.40 -33.43
CA ASP D 134 9.04 -10.11 -32.47
C ASP D 134 9.43 -8.86 -31.68
N LEU D 135 8.75 -7.76 -31.96
CA LEU D 135 9.13 -6.46 -31.40
C LEU D 135 8.40 -6.20 -30.08
N GLY D 136 7.55 -7.15 -29.69
CA GLY D 136 6.72 -6.96 -28.51
C GLY D 136 5.52 -6.09 -28.83
N PRO D 137 4.86 -5.58 -27.80
CA PRO D 137 3.62 -4.79 -27.93
C PRO D 137 3.90 -3.34 -28.34
N ILE D 138 4.41 -3.14 -29.55
CA ILE D 138 4.73 -1.79 -30.02
C ILE D 138 3.52 -1.12 -30.68
N TYR D 139 3.77 -0.01 -31.38
CA TYR D 139 2.74 0.94 -31.78
C TYR D 139 1.49 0.32 -32.39
N GLY D 140 1.67 -0.57 -33.36
CA GLY D 140 0.55 -1.15 -34.08
C GLY D 140 -0.36 -1.87 -33.11
N PHE D 141 0.24 -2.44 -32.08
CA PHE D 141 -0.49 -3.13 -31.04
C PHE D 141 -1.28 -2.15 -30.20
N GLN D 142 -0.58 -1.16 -29.66
CA GLN D 142 -1.16 -0.18 -28.75
C GLN D 142 -2.25 0.68 -29.37
N TRP D 143 -2.17 0.90 -30.69
CA TRP D 143 -3.25 1.58 -31.39
C TRP D 143 -4.50 0.72 -31.44
N ARG D 144 -4.37 -0.46 -32.02
CA ARG D 144 -5.50 -1.33 -32.30
C ARG D 144 -5.97 -2.15 -31.10
N HIS D 145 -5.04 -2.74 -30.36
CA HIS D 145 -5.40 -3.40 -29.11
C HIS D 145 -4.63 -2.82 -27.94
N PHE D 146 -5.30 -2.06 -27.09
CA PHE D 146 -4.60 -1.45 -25.97
C PHE D 146 -4.80 -2.25 -24.71
N GLY D 147 -3.71 -2.81 -24.21
CA GLY D 147 -3.73 -3.49 -22.93
C GLY D 147 -4.28 -4.89 -22.99
N ALA D 148 -4.28 -5.50 -24.18
CA ALA D 148 -4.56 -6.92 -24.25
C ALA D 148 -3.33 -7.63 -23.72
N GLU D 149 -3.40 -8.95 -23.58
CA GLU D 149 -2.22 -9.64 -23.09
C GLU D 149 -1.38 -10.05 -24.30
N TYR D 150 -0.19 -9.46 -24.40
CA TYR D 150 0.69 -9.74 -25.52
C TYR D 150 1.42 -11.05 -25.29
N LYS D 151 1.61 -11.80 -26.37
CA LYS D 151 2.33 -13.06 -26.28
C LYS D 151 3.42 -13.13 -27.35
N ASP D 152 2.99 -13.18 -28.60
CA ASP D 152 3.92 -13.11 -29.72
C ASP D 152 3.25 -12.39 -30.88
N CYS D 153 3.88 -12.42 -32.04
CA CYS D 153 3.33 -11.77 -33.22
C CYS D 153 2.05 -12.44 -33.70
N GLN D 154 2.12 -13.75 -33.92
CA GLN D 154 1.11 -14.46 -34.69
C GLN D 154 -0.20 -14.74 -33.96
N SER D 155 -0.14 -14.83 -32.64
CA SER D 155 -1.35 -15.10 -31.85
C SER D 155 -2.40 -14.05 -32.15
N ASN D 156 -3.67 -14.45 -32.12
CA ASN D 156 -4.75 -13.59 -32.58
C ASN D 156 -5.14 -12.54 -31.53
N TYR D 157 -4.92 -11.28 -31.87
CA TYR D 157 -5.20 -10.16 -30.98
C TYR D 157 -6.49 -9.38 -31.26
N LEU D 158 -7.25 -9.80 -32.27
CA LEU D 158 -8.36 -8.96 -32.76
C LEU D 158 -9.56 -8.94 -31.83
N GLN D 159 -10.14 -7.74 -31.68
CA GLN D 159 -11.27 -7.47 -30.79
C GLN D 159 -10.89 -7.60 -29.32
N GLN D 160 -9.66 -8.01 -29.07
CA GLN D 160 -9.08 -7.89 -27.73
C GLN D 160 -8.64 -6.44 -27.49
N GLY D 161 -8.54 -6.07 -26.23
CA GLY D 161 -8.05 -4.75 -25.86
C GLY D 161 -8.96 -3.65 -26.34
N ILE D 162 -8.51 -2.41 -26.19
CA ILE D 162 -9.29 -1.27 -26.64
C ILE D 162 -8.71 -0.77 -27.95
N ASP D 163 -9.58 -0.31 -28.84
CA ASP D 163 -9.14 0.16 -30.14
C ASP D 163 -9.11 1.69 -30.14
N GLN D 164 -7.91 2.25 -30.12
CA GLN D 164 -7.75 3.69 -29.97
C GLN D 164 -8.02 4.40 -31.29
N LEU D 165 -7.68 3.72 -32.38
CA LEU D 165 -7.82 4.29 -33.71
C LEU D 165 -9.28 4.29 -34.13
N GLN D 166 -10.01 3.24 -33.76
CA GLN D 166 -11.38 3.07 -34.23
C GLN D 166 -12.39 3.89 -33.42
N THR D 167 -12.00 4.39 -32.26
CA THR D 167 -12.86 5.33 -31.57
C THR D 167 -12.81 6.70 -32.24
N VAL D 168 -11.59 7.21 -32.45
CA VAL D 168 -11.37 8.53 -33.03
C VAL D 168 -11.94 8.61 -34.44
N ILE D 169 -11.97 7.47 -35.12
CA ILE D 169 -12.61 7.39 -36.43
C ILE D 169 -14.11 7.47 -36.24
N ASP D 170 -14.60 6.86 -35.17
CA ASP D 170 -16.02 6.82 -34.87
C ASP D 170 -16.55 8.10 -34.22
N THR D 171 -15.68 8.84 -33.54
CA THR D 171 -16.10 10.10 -32.93
C THR D 171 -16.17 11.22 -33.94
N ILE D 172 -15.17 11.28 -34.82
CA ILE D 172 -15.05 12.38 -35.77
C ILE D 172 -16.31 12.60 -36.59
N LYS D 173 -16.96 11.51 -37.01
CA LYS D 173 -18.19 11.64 -37.78
C LYS D 173 -19.38 11.94 -36.87
N THR D 174 -19.40 11.27 -35.71
CA THR D 174 -20.49 11.46 -34.75
C THR D 174 -20.30 12.71 -33.88
N ASN D 175 -19.07 12.95 -33.41
CA ASN D 175 -18.79 14.10 -32.56
C ASN D 175 -17.43 14.71 -32.84
N PRO D 176 -17.34 15.51 -33.91
CA PRO D 176 -16.08 16.17 -34.30
C PRO D 176 -15.60 17.11 -33.21
N GLU D 177 -16.54 17.57 -32.39
CA GLU D 177 -16.21 18.36 -31.22
C GLU D 177 -15.79 17.44 -30.11
N SER D 178 -14.57 17.62 -29.64
CA SER D 178 -14.08 16.91 -28.46
C SER D 178 -12.65 17.33 -28.20
N ARG D 179 -12.21 17.18 -26.96
CA ARG D 179 -10.79 17.26 -26.65
C ARG D 179 -10.26 15.85 -26.47
N ARG D 180 -11.19 14.90 -26.58
CA ARG D 180 -10.98 13.53 -26.12
C ARG D 180 -10.57 12.53 -27.21
N MET D 181 -10.28 13.03 -28.42
CA MET D 181 -9.84 12.13 -29.47
C MET D 181 -8.32 12.01 -29.43
N ILE D 182 -7.83 10.86 -28.99
CA ILE D 182 -6.40 10.67 -28.76
C ILE D 182 -6.01 9.20 -28.86
N ILE D 183 -4.79 8.94 -29.32
CA ILE D 183 -4.25 7.58 -29.38
C ILE D 183 -2.92 7.45 -28.64
N SER D 184 -2.92 6.69 -27.55
CA SER D 184 -1.74 6.60 -26.70
C SER D 184 -1.02 5.26 -26.86
N SER D 185 0.25 5.33 -27.22
CA SER D 185 1.08 4.16 -27.39
C SER D 185 1.89 3.86 -26.14
N TRP D 186 1.69 4.67 -25.10
CA TRP D 186 2.46 4.50 -23.87
C TRP D 186 1.71 3.62 -22.88
N ASN D 187 2.22 2.41 -22.68
CA ASN D 187 1.66 1.45 -21.74
C ASN D 187 2.80 0.85 -20.93
N PRO D 188 3.12 1.46 -19.78
CA PRO D 188 4.28 1.11 -18.95
C PRO D 188 4.30 -0.37 -18.59
N LYS D 189 3.15 -1.02 -18.66
CA LYS D 189 3.06 -2.46 -18.49
C LYS D 189 3.69 -3.18 -19.67
N ASP D 190 3.39 -2.72 -20.87
CA ASP D 190 3.93 -3.31 -22.10
C ASP D 190 5.35 -2.85 -22.38
N ILE D 191 5.70 -1.67 -21.87
CA ILE D 191 7.00 -1.06 -22.15
C ILE D 191 8.19 -1.99 -21.89
N PRO D 192 8.12 -2.79 -20.82
CA PRO D 192 9.18 -3.80 -20.61
C PRO D 192 9.18 -4.84 -21.73
N LEU D 193 7.99 -5.16 -22.23
CA LEU D 193 7.84 -6.18 -23.26
C LEU D 193 8.14 -5.67 -24.66
N MET D 194 8.20 -4.34 -24.80
CA MET D 194 8.62 -3.72 -26.05
C MET D 194 10.13 -3.76 -26.15
N VAL D 195 10.67 -3.78 -27.36
CA VAL D 195 12.11 -3.77 -27.55
C VAL D 195 12.61 -2.35 -27.36
N LEU D 196 11.67 -1.41 -27.27
CA LEU D 196 11.98 -0.01 -27.13
C LEU D 196 10.71 0.80 -27.02
N PRO D 197 10.70 1.79 -26.12
CA PRO D 197 9.56 2.66 -25.83
C PRO D 197 9.10 3.41 -27.07
N PRO D 198 7.81 3.80 -27.11
CA PRO D 198 7.32 4.59 -28.24
C PRO D 198 8.01 5.95 -28.32
N CYS D 199 8.57 6.30 -29.47
CA CYS D 199 9.24 7.57 -29.62
C CYS D 199 8.24 8.68 -29.92
N HIS D 200 7.22 8.33 -30.70
CA HIS D 200 6.06 9.17 -30.85
C HIS D 200 4.97 8.52 -30.01
N THR D 201 4.69 9.13 -28.88
CA THR D 201 3.88 8.50 -27.84
C THR D 201 2.39 8.53 -28.14
N LEU D 202 1.86 9.70 -28.48
CA LEU D 202 0.44 9.81 -28.82
C LEU D 202 0.17 10.92 -29.82
N CYS D 203 -1.09 11.01 -30.22
CA CYS D 203 -1.55 12.06 -31.12
C CYS D 203 -2.95 12.52 -30.69
N GLN D 204 -3.37 13.68 -31.20
CA GLN D 204 -4.68 14.19 -30.85
C GLN D 204 -5.33 14.76 -32.09
N PHE D 205 -6.64 14.63 -32.18
CA PHE D 205 -7.35 15.09 -33.36
C PHE D 205 -8.25 16.29 -33.09
N TYR D 206 -8.39 17.13 -34.10
CA TYR D 206 -9.09 18.40 -33.98
C TYR D 206 -9.91 18.60 -35.25
N VAL D 207 -11.18 18.92 -35.12
CA VAL D 207 -12.02 19.10 -36.30
C VAL D 207 -12.71 20.46 -36.27
N ALA D 208 -12.34 21.32 -37.21
CA ALA D 208 -12.93 22.64 -37.28
C ALA D 208 -13.25 23.01 -38.73
N ASN D 209 -14.52 23.33 -38.97
CA ASN D 209 -14.97 23.74 -40.30
C ASN D 209 -14.69 22.67 -41.35
N GLY D 210 -14.62 21.41 -40.92
CA GLY D 210 -14.40 20.30 -41.83
C GLY D 210 -12.95 20.05 -42.18
N GLU D 211 -12.04 20.38 -41.26
CA GLU D 211 -10.62 20.09 -41.43
C GLU D 211 -10.04 19.35 -40.24
N LEU D 212 -9.68 18.09 -40.45
CA LEU D 212 -9.09 17.29 -39.39
C LEU D 212 -7.65 17.72 -39.18
N SER D 213 -7.28 17.97 -37.92
CA SER D 213 -5.91 18.34 -37.57
C SER D 213 -5.36 17.39 -36.53
N CYS D 214 -4.04 17.26 -36.47
CA CYS D 214 -3.41 16.32 -35.56
C CYS D 214 -2.15 16.86 -34.93
N GLN D 215 -2.07 16.79 -33.60
CA GLN D 215 -0.84 17.11 -32.90
C GLN D 215 -0.22 15.83 -32.36
N VAL D 216 1.11 15.73 -32.44
CA VAL D 216 1.82 14.52 -32.04
C VAL D 216 2.95 14.82 -31.07
N TYR D 217 3.03 14.03 -29.99
CA TYR D 217 4.09 14.22 -29.02
C TYR D 217 5.17 13.19 -29.25
N GLN D 218 6.30 13.64 -29.76
CA GLN D 218 7.44 12.76 -29.97
C GLN D 218 8.37 12.91 -28.79
N ARG D 219 8.45 11.87 -27.96
CA ARG D 219 9.22 11.93 -26.73
C ARG D 219 10.70 12.14 -27.04
N SER D 220 11.18 11.43 -28.04
CA SER D 220 12.55 11.58 -28.51
C SER D 220 12.54 11.66 -30.03
N GLY D 221 13.47 12.43 -30.59
CA GLY D 221 13.55 12.52 -32.02
C GLY D 221 14.95 12.82 -32.51
N ASP D 222 15.23 12.40 -33.73
CA ASP D 222 16.52 12.63 -34.35
C ASP D 222 16.31 13.57 -35.52
N MET D 223 16.81 14.78 -35.38
CA MET D 223 16.65 15.81 -36.39
C MET D 223 17.26 15.37 -37.71
N GLY D 224 18.37 14.66 -37.63
CA GLY D 224 19.10 14.24 -38.81
C GLY D 224 18.29 13.41 -39.78
N LEU D 225 17.75 12.30 -39.29
CA LEU D 225 16.99 11.39 -40.14
C LEU D 225 15.64 11.01 -39.54
N GLY D 226 15.70 10.36 -38.38
CA GLY D 226 14.52 9.78 -37.76
C GLY D 226 13.28 10.66 -37.70
N VAL D 227 13.44 11.91 -37.27
CA VAL D 227 12.29 12.81 -37.12
C VAL D 227 11.54 13.09 -38.42
N PRO D 228 12.25 13.57 -39.45
CA PRO D 228 11.63 13.87 -40.75
C PRO D 228 10.82 12.72 -41.33
N PHE D 229 11.21 11.48 -41.02
CA PHE D 229 10.46 10.30 -41.42
C PHE D 229 9.09 10.27 -40.74
N ASN D 230 9.10 10.50 -39.44
CA ASN D 230 7.89 10.44 -38.64
C ASN D 230 6.94 11.60 -38.89
N ILE D 231 7.43 12.62 -39.57
CA ILE D 231 6.61 13.78 -39.89
C ILE D 231 5.64 13.50 -41.04
N ALA D 232 6.05 12.60 -41.93
CA ALA D 232 5.19 12.16 -43.01
C ALA D 232 4.37 10.94 -42.58
N GLY D 233 4.73 10.35 -41.45
CA GLY D 233 4.00 9.24 -40.89
C GLY D 233 2.65 9.68 -40.36
N TYR D 234 2.66 10.71 -39.52
CA TYR D 234 1.44 11.26 -38.94
C TYR D 234 0.72 12.13 -39.95
N ALA D 235 1.50 12.86 -40.75
CA ALA D 235 0.92 13.66 -41.82
C ALA D 235 0.14 12.78 -42.77
N LEU D 236 0.57 11.53 -42.89
CA LEU D 236 -0.09 10.57 -43.77
C LEU D 236 -1.37 10.05 -43.11
N LEU D 237 -1.28 9.74 -41.82
CA LEU D 237 -2.43 9.23 -41.08
C LEU D 237 -3.58 10.23 -41.12
N THR D 238 -3.26 11.50 -40.93
CA THR D 238 -4.27 12.56 -40.96
C THR D 238 -4.99 12.59 -42.31
N TYR D 239 -4.23 12.48 -43.40
CA TYR D 239 -4.81 12.38 -44.74
C TYR D 239 -5.67 11.13 -44.84
N ILE D 240 -5.12 10.02 -44.36
CA ILE D 240 -5.83 8.74 -44.35
C ILE D 240 -7.14 8.81 -43.57
N VAL D 241 -7.05 9.29 -42.34
CA VAL D 241 -8.21 9.36 -41.45
C VAL D 241 -9.19 10.44 -41.90
N ALA D 242 -8.66 11.57 -42.36
CA ALA D 242 -9.52 12.62 -42.87
C ALA D 242 -10.19 12.15 -44.14
N HIS D 243 -9.56 11.20 -44.80
CA HIS D 243 -10.09 10.62 -46.02
C HIS D 243 -11.32 9.75 -45.72
N VAL D 244 -11.17 8.88 -44.73
CA VAL D 244 -12.23 7.96 -44.37
C VAL D 244 -13.43 8.69 -43.74
N THR D 245 -13.15 9.83 -43.12
CA THR D 245 -14.17 10.56 -42.38
C THR D 245 -14.94 11.56 -43.26
N GLY D 246 -14.46 11.75 -44.48
CA GLY D 246 -15.10 12.67 -45.41
C GLY D 246 -14.72 14.10 -45.11
N LEU D 247 -13.50 14.31 -44.63
CA LEU D 247 -13.05 15.64 -44.21
C LEU D 247 -11.81 16.10 -44.95
N LYS D 248 -11.57 17.40 -44.92
CA LYS D 248 -10.36 17.98 -45.49
C LYS D 248 -9.17 17.76 -44.57
N THR D 249 -8.02 18.35 -44.91
CA THR D 249 -6.83 18.20 -44.07
C THR D 249 -6.33 19.53 -43.55
N GLY D 250 -6.51 19.80 -42.26
CA GLY D 250 -6.08 21.08 -41.71
C GLY D 250 -4.60 21.32 -41.45
N ASP D 251 -4.03 20.56 -40.51
CA ASP D 251 -2.69 20.88 -39.99
C ASP D 251 -2.06 19.70 -39.28
N LEU D 252 -0.75 19.75 -39.12
CA LEU D 252 -0.05 18.79 -38.28
C LEU D 252 0.96 19.52 -37.42
N ILE D 253 0.80 19.42 -36.12
CA ILE D 253 1.74 20.01 -35.20
C ILE D 253 2.74 18.97 -34.75
N HIS D 254 4.02 19.28 -34.88
CA HIS D 254 5.05 18.37 -34.40
C HIS D 254 5.68 18.90 -33.13
N THR D 255 5.35 18.26 -32.01
CA THR D 255 5.84 18.66 -30.71
C THR D 255 6.80 17.59 -30.20
N MET D 256 7.79 17.98 -29.42
CA MET D 256 8.84 17.02 -29.08
C MET D 256 9.29 17.02 -27.62
N GLY D 257 9.81 15.87 -27.21
CA GLY D 257 10.47 15.69 -25.94
C GLY D 257 11.90 16.12 -26.21
N ASP D 258 12.88 15.43 -25.64
CA ASP D 258 14.26 15.74 -25.98
C ASP D 258 14.43 15.74 -27.50
N ALA D 259 14.92 16.86 -28.01
CA ALA D 259 15.11 17.04 -29.44
C ALA D 259 16.58 17.24 -29.70
N HIS D 260 17.19 16.28 -30.38
CA HIS D 260 18.64 16.21 -30.41
C HIS D 260 19.22 16.03 -31.80
N ILE D 261 20.53 16.23 -31.88
CA ILE D 261 21.32 15.91 -33.04
C ILE D 261 22.57 15.16 -32.61
N TYR D 262 22.70 13.90 -33.04
CA TYR D 262 23.91 13.15 -32.75
C TYR D 262 25.10 13.86 -33.38
N LEU D 263 26.25 13.82 -32.70
CA LEU D 263 27.39 14.62 -33.09
C LEU D 263 28.08 14.14 -34.36
N ASN D 264 27.86 12.88 -34.72
CA ASN D 264 28.36 12.36 -35.99
C ASN D 264 27.80 13.14 -37.16
N HIS D 265 26.51 13.46 -37.06
CA HIS D 265 25.76 13.99 -38.19
C HIS D 265 25.72 15.50 -38.22
N ILE D 266 26.43 16.15 -37.31
CA ILE D 266 26.48 17.61 -37.25
C ILE D 266 26.90 18.25 -38.57
N ASP D 267 28.06 17.85 -39.08
CA ASP D 267 28.64 18.48 -40.26
C ASP D 267 27.77 18.25 -41.49
N ALA D 268 27.17 17.06 -41.57
CA ALA D 268 26.27 16.74 -42.67
C ALA D 268 25.02 17.62 -42.62
N LEU D 269 24.56 17.92 -41.42
CA LEU D 269 23.39 18.76 -41.24
C LEU D 269 23.73 20.24 -41.41
N LYS D 270 24.98 20.59 -41.17
CA LYS D 270 25.45 21.94 -41.44
C LYS D 270 25.38 22.16 -42.95
N VAL D 271 25.50 21.07 -43.71
CA VAL D 271 25.39 21.12 -45.15
C VAL D 271 23.95 21.27 -45.60
N GLN D 272 23.08 20.43 -45.05
CA GLN D 272 21.68 20.42 -45.45
C GLN D 272 20.97 21.71 -45.03
N LEU D 273 21.58 22.46 -44.13
CA LEU D 273 21.01 23.72 -43.66
C LEU D 273 21.12 24.82 -44.70
N ALA D 274 21.98 24.59 -45.70
CA ALA D 274 22.34 25.63 -46.65
C ALA D 274 21.43 25.66 -47.87
N ARG D 275 20.56 24.66 -47.98
CA ARG D 275 19.74 24.50 -49.18
C ARG D 275 18.35 25.10 -49.04
N SER D 276 17.87 25.69 -50.14
CA SER D 276 16.51 26.19 -50.22
C SER D 276 15.57 25.01 -50.37
N PRO D 277 14.71 24.77 -49.38
CA PRO D 277 13.74 23.69 -49.53
C PRO D 277 12.73 24.02 -50.62
N LYS D 278 12.50 23.07 -51.52
CA LYS D 278 11.61 23.27 -52.64
C LYS D 278 10.16 23.20 -52.16
N PRO D 279 9.22 23.64 -53.01
CA PRO D 279 7.80 23.51 -52.68
C PRO D 279 7.44 22.07 -52.34
N PHE D 280 6.69 21.88 -51.26
CA PHE D 280 6.27 20.54 -50.83
C PHE D 280 5.39 19.91 -51.90
N PRO D 281 5.53 18.58 -52.07
CA PRO D 281 4.80 17.76 -53.06
C PRO D 281 3.30 17.71 -52.84
N CYS D 282 2.63 16.90 -53.65
CA CYS D 282 1.18 16.75 -53.56
C CYS D 282 0.82 15.28 -53.30
N LEU D 283 0.11 15.02 -52.22
CA LEU D 283 -0.35 13.67 -51.93
C LEU D 283 -1.81 13.51 -52.31
N LYS D 284 -2.12 12.41 -52.98
CA LYS D 284 -3.49 12.13 -53.41
C LYS D 284 -3.77 10.64 -53.39
N ILE D 285 -5.02 10.28 -53.11
CA ILE D 285 -5.44 8.88 -53.10
C ILE D 285 -6.36 8.63 -54.29
N ILE D 286 -6.04 7.60 -55.07
CA ILE D 286 -6.72 7.35 -56.33
C ILE D 286 -7.92 6.42 -56.19
N ARG D 287 -8.08 5.85 -55.00
CA ARG D 287 -9.23 5.01 -54.72
C ARG D 287 -9.96 5.60 -53.52
N ASN D 288 -11.23 5.23 -53.36
CA ASN D 288 -11.99 5.65 -52.20
C ASN D 288 -12.08 4.52 -51.19
N VAL D 289 -11.36 4.68 -50.08
CA VAL D 289 -11.31 3.62 -49.07
C VAL D 289 -12.26 3.95 -47.94
N THR D 290 -13.31 3.15 -47.82
CA THR D 290 -14.30 3.34 -46.78
C THR D 290 -13.87 2.67 -45.48
N ASP D 291 -12.82 1.85 -45.55
CA ASP D 291 -12.33 1.15 -44.38
C ASP D 291 -10.91 1.58 -44.04
N ILE D 292 -10.53 1.47 -42.78
CA ILE D 292 -9.22 1.90 -42.34
C ILE D 292 -8.20 0.76 -42.47
N ASN D 293 -8.70 -0.44 -42.75
CA ASN D 293 -7.80 -1.58 -42.99
C ASN D 293 -7.55 -1.89 -44.47
N ASP D 294 -8.22 -1.17 -45.38
CA ASP D 294 -8.20 -1.53 -46.80
C ASP D 294 -7.16 -0.73 -47.61
N PHE D 295 -6.42 0.14 -46.94
CA PHE D 295 -5.40 0.92 -47.61
C PHE D 295 -4.23 0.05 -48.07
N LYS D 296 -3.64 0.42 -49.21
CA LYS D 296 -2.50 -0.31 -49.75
C LYS D 296 -1.46 0.67 -50.30
N TRP D 297 -0.27 0.15 -50.60
CA TRP D 297 0.81 0.97 -51.16
C TRP D 297 0.41 1.55 -52.53
N ASP D 298 -0.64 1.00 -53.12
CA ASP D 298 -1.05 1.37 -54.47
C ASP D 298 -2.11 2.47 -54.50
N ASP D 299 -2.56 2.92 -53.32
CA ASP D 299 -3.64 3.90 -53.24
C ASP D 299 -3.13 5.33 -53.28
N PHE D 300 -1.82 5.51 -53.10
CA PHE D 300 -1.27 6.84 -52.90
C PHE D 300 -0.39 7.33 -54.05
N GLN D 301 -0.87 8.34 -54.76
CA GLN D 301 -0.07 8.98 -55.81
C GLN D 301 0.56 10.25 -55.29
N LEU D 302 1.88 10.24 -55.18
CA LEU D 302 2.63 11.41 -54.75
C LEU D 302 3.04 12.21 -55.97
N ASP D 303 2.89 13.52 -55.89
CA ASP D 303 3.17 14.37 -57.06
C ASP D 303 4.17 15.48 -56.79
N GLY D 304 5.16 15.60 -57.68
CA GLY D 304 6.10 16.70 -57.65
C GLY D 304 7.08 16.66 -56.51
N TYR D 305 7.54 15.46 -56.16
CA TYR D 305 8.54 15.35 -55.12
C TYR D 305 9.92 15.35 -55.74
N ASN D 306 10.65 16.43 -55.53
CA ASN D 306 11.98 16.60 -56.07
C ASN D 306 12.91 17.09 -54.98
N PRO D 307 13.37 16.19 -54.11
CA PRO D 307 14.24 16.62 -53.01
C PRO D 307 15.61 17.04 -53.52
N HIS D 308 16.47 17.52 -52.64
CA HIS D 308 17.81 17.94 -53.02
C HIS D 308 18.73 16.74 -53.13
N PRO D 309 19.99 16.96 -53.50
CA PRO D 309 20.92 15.82 -53.62
C PRO D 309 21.21 15.17 -52.29
N PRO D 310 21.96 14.07 -52.31
CA PRO D 310 22.23 13.25 -51.12
C PRO D 310 23.07 13.96 -50.07
N LEU D 311 22.68 13.79 -48.80
CA LEU D 311 23.47 14.24 -47.67
C LEU D 311 23.51 15.77 -47.56
N1 UMP E . -1.43 -18.69 42.36
C2 UMP E . -2.26 -19.71 41.71
N3 UMP E . -3.63 -19.36 41.27
C4 UMP E . -4.14 -18.04 41.48
C5 UMP E . -3.31 -17.04 42.12
C6 UMP E . -1.95 -17.39 42.56
O2 UMP E . -1.87 -20.82 41.53
O4 UMP E . -5.28 -17.73 41.11
C1' UMP E . -0.08 -18.94 42.82
C2' UMP E . 0.71 -19.93 41.90
C3' UMP E . 2.14 -19.51 42.06
C4' UMP E . 2.11 -18.22 42.44
O3' UMP E . 2.74 -20.32 43.17
O4' UMP E . 0.58 -17.85 42.73
C5' UMP E . 2.67 -17.27 41.38
O5' UMP E . 3.88 -16.72 41.87
P UMP E . 5.03 -16.50 40.82
OP1 UMP E . 6.28 -16.01 41.52
OP2 UMP E . 5.33 -17.84 40.13
OP3 UMP E . 4.56 -15.47 39.80
N1 UMP F . -3.54 -10.43 10.95
C2 UMP F . -3.35 -11.90 11.17
N3 UMP F . -2.08 -12.38 11.76
C4 UMP F . -1.03 -11.47 12.11
C5 UMP F . -1.24 -10.05 11.89
C6 UMP F . -2.50 -9.55 11.31
O2 UMP F . -4.18 -12.72 10.89
O4 UMP F . 0.03 -11.87 12.59
C1' UMP F . -4.75 -9.87 10.39
C2' UMP F . -6.06 -10.68 10.74
C3' UMP F . -7.12 -9.64 10.84
C4' UMP F . -6.50 -8.48 11.09
O3' UMP F . -7.86 -9.57 9.54
O4' UMP F . -4.93 -8.71 10.90
C5' UMP F . -6.79 -8.02 12.51
O5' UMP F . -8.17 -7.68 12.61
P UMP F . -8.61 -6.90 13.89
OP1 UMP F . -8.10 -7.66 15.09
OP2 UMP F . -8.01 -5.48 13.85
OP3 UMP F . -10.14 -6.79 13.92
N1 UMP G . -10.04 22.27 -17.70
C2 UMP G . -9.02 23.26 -18.08
N3 UMP G . -7.72 23.28 -17.38
C4 UMP G . -7.46 22.35 -16.32
C5 UMP G . -8.47 21.37 -15.95
C6 UMP G . -9.77 21.35 -16.65
O2 UMP G . -9.20 24.07 -18.96
O4 UMP G . -6.39 22.37 -15.74
C1' UMP G . -11.34 22.19 -18.34
C2' UMP G . -11.33 22.56 -19.87
C3' UMP G . -12.57 21.90 -20.34
C4' UMP G . -12.70 20.78 -19.61
O3' UMP G . -13.73 22.82 -20.09
O4' UMP G . -11.71 20.97 -18.35
C5' UMP G . -12.32 19.53 -20.39
O5' UMP G . -13.49 18.97 -20.95
P UMP G . -13.32 17.83 -22.03
OP1 UMP G . -13.53 16.47 -21.36
OP2 UMP G . -11.92 17.86 -22.61
OP3 UMP G . -14.35 18.04 -23.15
N1 UMP H . 14.35 7.61 -32.84
C2 UMP H . 13.82 8.82 -33.50
N3 UMP H . 12.47 8.80 -34.09
C4 UMP H . 11.67 7.60 -34.04
C5 UMP H . 12.22 6.41 -33.39
C6 UMP H . 13.56 6.43 -32.81
O2 UMP H . 14.46 9.83 -33.55
O4 UMP H . 10.55 7.59 -34.55
C1' UMP H . 15.67 7.56 -32.24
C2' UMP H . 16.00 8.88 -31.44
C3' UMP H . 16.81 8.41 -30.28
C4' UMP H . 16.34 7.17 -30.01
O3' UMP H . 18.25 8.33 -30.66
O4' UMP H . 15.70 6.62 -31.37
C5' UMP H . 15.28 7.18 -28.92
O5' UMP H . 15.42 6.04 -28.09
P UMP H . 15.72 6.19 -26.55
OP1 UMP H . 14.82 5.22 -25.78
OP2 UMP H . 15.42 7.60 -26.08
OP3 UMP H . 17.18 5.86 -26.26
#